data_8U5I
#
_entry.id   8U5I
#
_cell.length_a   84.862
_cell.length_b   89.888
_cell.length_c   133.520
_cell.angle_alpha   90.00
_cell.angle_beta   90.00
_cell.angle_gamma   90.00
#
_symmetry.space_group_name_H-M   'P 21 21 21'
#
loop_
_entity.id
_entity.type
_entity.pdbx_description
1 polymer 'Indoleamine 2,3-dioxygenase 1'
2 non-polymer 'PROTOPORPHYRIN IX CONTAINING FE'
3 non-polymer (1R,2S)-8-(ethanesulfonyl)-2-[(4R,5S,9aM)-5H-imidazo[5,1-a]isoindol-5-yl]-8-azaspiro[4.5]decan-1-ol
4 water water
#
_entity_poly.entity_id   1
_entity_poly.type   'polypeptide(L)'
_entity_poly.pdbx_seq_one_letter_code
;MISKEYHIDEEVGFALPNPQENLPDFYNDWMFIAKHLPDLIESGQLRERVEKLNMLSIDHLTDHKSQRLARLVLGCITMA
YVWGKGHGDVRKVLPRNIAVPYCQLSKKLELPPILVYADCVLANWKKKDPNKPLTYENMDVLFSFRDGDCSKGFFLVSLL
VEIAAASAIKVIPTVFKAMQMQERDTLLKALLEIASCLEKALQVFHQIHDHVNPKAFFSVLRIYLSGWKGNPQLSDGLVY
EGFWEDPKEFAGGSAGQSSVFQCFDVLLGIQQTAGGGHAAQFLQDMRRYMPPAHRNFLCSLESNPSVREFVLSKGDAGLR
EAYDACVKALVSLRSYHLQIVTKYILIPASQQPKENKTSEDPSKLEAKGTGGTDLMNFLKTVRSTTEKSLLKEG
;
_entity_poly.pdbx_strand_id   A,B
#
loop_
_chem_comp.id
_chem_comp.type
_chem_comp.name
_chem_comp.formula
HEM non-polymer 'PROTOPORPHYRIN IX CONTAINING FE' 'C34 H32 Fe N4 O4'
W2Z non-polymer (1R,2S)-8-(ethanesulfonyl)-2-[(4R,5S,9aM)-5H-imidazo[5,1-a]isoindol-5-yl]-8-azaspiro[4.5]decan-1-ol 'C21 H27 N3 O3 S'
#
# COMPACT_ATOMS: atom_id res chain seq x y z
N MET A 1 -20.37 19.90 -3.04
CA MET A 1 -19.47 19.67 -1.86
C MET A 1 -18.97 18.22 -1.78
N ILE A 2 -17.82 18.04 -1.13
CA ILE A 2 -17.30 16.70 -0.77
C ILE A 2 -18.17 16.14 0.37
N SER A 3 -18.41 14.84 0.33
CA SER A 3 -19.25 14.15 1.31
C SER A 3 -18.68 14.25 2.73
N LYS A 4 -19.59 14.31 3.71
CA LYS A 4 -19.24 14.45 5.12
C LYS A 4 -18.54 13.22 5.70
N GLU A 5 -18.72 12.06 5.06
CA GLU A 5 -18.05 10.82 5.46
C GLU A 5 -16.51 10.85 5.32
N TYR A 6 -15.98 11.78 4.51
CA TYR A 6 -14.52 11.95 4.36
C TYR A 6 -13.88 12.92 5.35
N HIS A 7 -14.67 13.57 6.20
CA HIS A 7 -14.15 14.45 7.28
C HIS A 7 -13.08 15.45 6.80
N ILE A 8 -13.42 16.13 5.70
CA ILE A 8 -12.62 17.18 5.12
C ILE A 8 -13.33 18.49 5.42
N ASP A 9 -12.66 19.37 6.18
CA ASP A 9 -13.19 20.67 6.54
C ASP A 9 -13.03 21.70 5.40
N GLU A 10 -13.99 22.60 5.29
CA GLU A 10 -13.98 23.64 4.27
C GLU A 10 -12.78 24.60 4.42
N GLU A 11 -12.38 24.89 5.66
CA GLU A 11 -11.32 25.86 5.93
C GLU A 11 -9.96 25.20 6.12
N VAL A 12 -9.89 24.17 6.96
CA VAL A 12 -8.62 23.54 7.32
C VAL A 12 -8.35 22.21 6.58
N GLY A 13 -9.29 21.76 5.75
CA GLY A 13 -9.10 20.55 4.94
C GLY A 13 -9.05 19.28 5.76
N PHE A 14 -7.95 18.53 5.62
CA PHE A 14 -7.75 17.31 6.43
C PHE A 14 -7.33 17.58 7.87
N ALA A 15 -7.00 18.81 8.21
CA ALA A 15 -6.71 19.17 9.59
C ALA A 15 -7.96 19.06 10.47
N LEU A 16 -7.77 18.70 11.73
CA LEU A 16 -8.87 18.68 12.69
C LEU A 16 -9.29 20.12 13.01
N PRO A 17 -10.55 20.51 12.68
CA PRO A 17 -10.95 21.88 13.02
C PRO A 17 -11.05 22.04 14.53
N ASN A 18 -10.67 23.23 15.01
CA ASN A 18 -10.71 23.60 16.43
C ASN A 18 -10.41 22.41 17.38
N PRO A 19 -9.15 21.93 17.38
CA PRO A 19 -8.81 20.77 18.20
C PRO A 19 -9.12 20.98 19.69
N GLN A 20 -9.45 19.90 20.36
CA GLN A 20 -9.73 19.94 21.79
C GLN A 20 -8.41 20.11 22.52
N GLU A 21 -8.44 20.93 23.57
CA GLU A 21 -7.24 21.28 24.33
C GLU A 21 -7.12 20.52 25.67
N ASN A 22 -8.25 20.32 26.34
CA ASN A 22 -8.31 19.66 27.65
C ASN A 22 -9.11 18.37 27.58
N LEU A 23 -8.62 17.34 28.27
CA LEU A 23 -9.33 16.06 28.37
C LEU A 23 -10.25 16.10 29.58
N PRO A 24 -11.20 15.15 29.68
CA PRO A 24 -11.97 15.00 30.93
C PRO A 24 -11.06 14.79 32.15
N ASP A 25 -11.51 15.28 33.31
CA ASP A 25 -10.76 15.19 34.58
C ASP A 25 -10.21 13.79 34.87
N PHE A 26 -10.98 12.76 34.49
CA PHE A 26 -10.56 11.35 34.60
C PHE A 26 -9.13 11.11 34.09
N TYR A 27 -8.76 11.77 32.99
CA TYR A 27 -7.44 11.61 32.37
C TYR A 27 -6.40 12.68 32.77
N ASN A 28 -6.61 13.36 33.91
CA ASN A 28 -5.66 14.36 34.42
C ASN A 28 -4.23 13.86 34.53
N ASP A 29 -4.06 12.61 34.98
CA ASP A 29 -2.73 11.99 35.10
C ASP A 29 -1.97 11.91 33.77
N TRP A 30 -2.69 11.66 32.68
CA TRP A 30 -2.09 11.73 31.33
C TRP A 30 -1.73 13.17 30.98
N MET A 31 -2.69 14.07 31.17
CA MET A 31 -2.53 15.49 30.86
C MET A 31 -1.36 16.14 31.58
N PHE A 32 -1.22 15.86 32.88
CA PHE A 32 -0.10 16.42 33.67
C PHE A 32 1.25 16.10 33.02
N ILE A 33 1.42 14.85 32.61
CA ILE A 33 2.68 14.39 32.03
C ILE A 33 2.93 15.07 30.67
N ALA A 34 1.94 15.00 29.77
CA ALA A 34 2.07 15.60 28.43
C ALA A 34 2.30 17.11 28.46
N LYS A 35 1.66 17.79 29.41
CA LYS A 35 1.82 19.24 29.55
C LYS A 35 3.18 19.69 30.09
N HIS A 36 3.88 18.79 30.79
CA HIS A 36 5.17 19.12 31.42
C HIS A 36 6.32 18.24 30.90
N LEU A 37 6.24 17.82 29.64
CA LEU A 37 7.28 16.97 29.07
C LEU A 37 8.68 17.60 29.13
N PRO A 38 8.84 18.88 28.70
CA PRO A 38 10.17 19.48 28.74
C PRO A 38 10.90 19.31 30.08
N ASP A 39 10.23 19.70 31.16
N ASP A 39 10.22 19.70 31.16
CA ASP A 39 10.81 19.60 32.51
CA ASP A 39 10.75 19.60 32.53
C ASP A 39 10.93 18.15 33.02
C ASP A 39 10.95 18.15 32.98
N LEU A 40 9.92 17.32 32.77
CA LEU A 40 9.96 15.91 33.22
C LEU A 40 11.02 15.06 32.49
N ILE A 41 11.20 15.31 31.19
CA ILE A 41 12.25 14.62 30.43
C ILE A 41 13.61 15.04 30.95
N GLU A 42 13.84 16.35 31.00
CA GLU A 42 15.13 16.92 31.38
C GLU A 42 15.59 16.42 32.75
N SER A 43 14.67 16.44 33.71
CA SER A 43 14.98 16.01 35.08
C SER A 43 14.95 14.48 35.27
N GLY A 44 14.71 13.72 34.21
CA GLY A 44 14.63 12.27 34.32
C GLY A 44 13.49 11.78 35.19
N GLN A 45 12.39 12.52 35.22
CA GLN A 45 11.18 12.14 35.95
C GLN A 45 10.16 11.45 35.06
N LEU A 46 10.27 11.63 33.75
CA LEU A 46 9.23 11.19 32.83
C LEU A 46 8.96 9.69 32.90
N ARG A 47 10.03 8.90 32.81
CA ARG A 47 9.87 7.44 32.69
C ARG A 47 9.27 6.82 33.93
N GLU A 48 9.75 7.24 35.12
CA GLU A 48 9.20 6.75 36.38
C GLU A 48 7.73 7.16 36.53
N ARG A 49 7.39 8.39 36.13
CA ARG A 49 5.99 8.87 36.15
C ARG A 49 5.06 8.02 35.29
N VAL A 50 5.48 7.73 34.05
CA VAL A 50 4.73 6.85 33.16
C VAL A 50 4.61 5.43 33.74
N GLU A 51 5.71 4.93 34.31
CA GLU A 51 5.73 3.61 34.95
C GLU A 51 4.85 3.51 36.19
N LYS A 52 4.63 4.64 36.87
CA LYS A 52 3.79 4.68 38.07
C LYS A 52 2.31 5.00 37.77
N LEU A 53 1.97 5.27 36.51
CA LEU A 53 0.57 5.47 36.09
C LEU A 53 -0.29 4.23 36.33
N ASN A 54 -1.57 4.48 36.62
CA ASN A 54 -2.60 3.44 36.62
C ASN A 54 -3.16 3.30 35.21
N MET A 55 -3.55 2.07 34.85
CA MET A 55 -4.19 1.81 33.55
C MET A 55 -5.58 2.43 33.57
N LEU A 56 -5.81 3.39 32.66
CA LEU A 56 -7.08 4.10 32.59
C LEU A 56 -7.89 3.62 31.39
N SER A 57 -9.19 3.43 31.60
CA SER A 57 -10.12 3.02 30.55
C SER A 57 -10.27 4.16 29.54
N ILE A 58 -10.34 3.81 28.25
CA ILE A 58 -10.58 4.78 27.18
C ILE A 58 -12.06 5.12 26.96
N ASP A 59 -12.96 4.50 27.72
CA ASP A 59 -14.40 4.60 27.49
C ASP A 59 -15.00 5.99 27.78
N HIS A 60 -14.29 6.79 28.58
CA HIS A 60 -14.73 8.16 28.90
C HIS A 60 -14.21 9.22 27.91
N LEU A 61 -13.53 8.78 26.84
CA LEU A 61 -13.24 9.62 25.69
C LEU A 61 -14.44 9.50 24.75
N THR A 62 -15.45 10.34 24.97
CA THR A 62 -16.79 10.09 24.41
C THR A 62 -17.00 10.57 22.98
N ASP A 63 -16.11 11.41 22.45
CA ASP A 63 -16.21 11.88 21.07
C ASP A 63 -14.85 11.86 20.35
N HIS A 64 -14.91 12.10 19.03
CA HIS A 64 -13.75 12.08 18.16
C HIS A 64 -12.63 13.05 18.58
N LYS A 65 -12.98 14.30 18.87
CA LYS A 65 -12.00 15.30 19.28
C LYS A 65 -11.28 14.94 20.58
N SER A 66 -12.02 14.43 21.56
CA SER A 66 -11.41 13.94 22.80
C SER A 66 -10.50 12.71 22.56
N GLN A 67 -10.92 11.83 21.65
CA GLN A 67 -10.12 10.66 21.26
C GLN A 67 -8.85 11.08 20.52
N ARG A 68 -8.98 12.06 19.64
CA ARG A 68 -7.82 12.61 18.93
C ARG A 68 -6.87 13.38 19.85
N LEU A 69 -7.40 14.10 20.84
CA LEU A 69 -6.56 14.76 21.85
C LEU A 69 -5.78 13.71 22.64
N ALA A 70 -6.49 12.69 23.13
CA ALA A 70 -5.88 11.58 23.88
C ALA A 70 -4.77 10.89 23.10
N ARG A 71 -4.98 10.67 21.80
CA ARG A 71 -3.93 10.13 20.91
C ARG A 71 -2.70 11.04 20.85
N LEU A 72 -2.92 12.35 20.78
CA LEU A 72 -1.83 13.32 20.78
C LEU A 72 -1.07 13.28 22.12
N VAL A 73 -1.82 13.29 23.22
CA VAL A 73 -1.26 13.14 24.57
C VAL A 73 -0.42 11.88 24.69
N LEU A 74 -1.05 10.73 24.44
CA LEU A 74 -0.40 9.42 24.62
C LEU A 74 0.77 9.20 23.67
N GLY A 75 0.68 9.74 22.46
CA GLY A 75 1.73 9.64 21.47
C GLY A 75 2.96 10.43 21.84
N CYS A 76 2.76 11.63 22.37
CA CYS A 76 3.86 12.47 22.85
C CYS A 76 4.54 11.84 24.06
N ILE A 77 3.74 11.29 24.98
CA ILE A 77 4.26 10.61 26.15
C ILE A 77 5.05 9.40 25.72
N THR A 78 4.53 8.68 24.72
CA THR A 78 5.19 7.46 24.23
C THR A 78 6.58 7.78 23.62
N MET A 79 6.67 8.84 22.82
N MET A 79 6.68 8.85 22.83
CA MET A 79 7.96 9.27 22.27
CA MET A 79 7.97 9.29 22.27
C MET A 79 8.94 9.68 23.37
C MET A 79 8.94 9.66 23.37
N ALA A 80 8.46 10.45 24.34
CA ALA A 80 9.25 10.85 25.51
C ALA A 80 9.78 9.64 26.27
N TYR A 81 8.92 8.63 26.44
CA TYR A 81 9.28 7.41 27.14
C TYR A 81 10.31 6.58 26.38
N VAL A 82 10.10 6.39 25.08
CA VAL A 82 11.01 5.56 24.29
C VAL A 82 12.38 6.23 24.14
N TRP A 83 12.40 7.51 23.77
CA TRP A 83 13.65 8.21 23.45
C TRP A 83 14.33 8.85 24.65
N GLY A 84 13.59 9.03 25.74
CA GLY A 84 14.14 9.54 26.98
C GLY A 84 14.61 10.97 26.78
N LYS A 85 15.84 11.26 27.21
CA LYS A 85 16.45 12.58 27.03
C LYS A 85 16.96 12.83 25.60
N GLY A 86 16.84 11.83 24.72
CA GLY A 86 17.17 11.98 23.31
C GLY A 86 18.65 11.85 23.02
N HIS A 87 19.36 11.05 23.83
CA HIS A 87 20.80 10.89 23.74
C HIS A 87 21.19 9.45 23.35
N GLY A 88 20.24 8.70 22.81
CA GLY A 88 20.48 7.33 22.36
C GLY A 88 20.14 6.23 23.36
N ASP A 89 19.64 6.61 24.54
CA ASP A 89 19.19 5.63 25.51
C ASP A 89 17.71 5.35 25.28
N VAL A 90 17.38 4.10 24.97
CA VAL A 90 16.08 3.74 24.42
C VAL A 90 15.38 2.70 25.32
N ARG A 91 14.10 2.95 25.61
CA ARG A 91 13.20 1.95 26.21
C ARG A 91 12.64 1.08 25.09
N LYS A 92 12.80 -0.24 25.23
CA LYS A 92 12.32 -1.22 24.25
C LYS A 92 10.92 -1.79 24.57
N VAL A 93 10.42 -1.50 25.77
CA VAL A 93 9.12 -1.96 26.23
C VAL A 93 8.33 -0.76 26.73
N LEU A 94 7.12 -0.58 26.22
CA LEU A 94 6.20 0.46 26.68
C LEU A 94 5.28 -0.18 27.72
N PRO A 95 5.29 0.33 28.98
CA PRO A 95 4.59 -0.39 30.06
C PRO A 95 3.06 -0.43 29.85
N ARG A 96 2.45 -1.52 30.29
CA ARG A 96 1.04 -1.83 29.96
C ARG A 96 0.02 -0.74 30.33
N ASN A 97 0.24 -0.04 31.43
N ASN A 97 0.26 -0.05 31.45
CA ASN A 97 -0.71 0.98 31.90
CA ASN A 97 -0.59 1.04 31.94
C ASN A 97 -0.85 2.19 30.95
C ASN A 97 -0.87 2.13 30.91
N ILE A 98 0.13 2.41 30.08
CA ILE A 98 0.02 3.36 28.96
C ILE A 98 -0.20 2.64 27.62
N ALA A 99 0.52 1.54 27.39
CA ALA A 99 0.46 0.80 26.10
C ALA A 99 -0.93 0.24 25.77
N VAL A 100 -1.61 -0.31 26.77
CA VAL A 100 -2.94 -0.90 26.56
C VAL A 100 -3.99 0.13 26.09
N PRO A 101 -4.26 1.19 26.88
CA PRO A 101 -5.23 2.20 26.42
C PRO A 101 -4.84 2.91 25.12
N TYR A 102 -3.54 3.09 24.88
CA TYR A 102 -3.08 3.73 23.64
C TYR A 102 -3.37 2.84 22.43
N CYS A 103 -3.05 1.55 22.55
CA CYS A 103 -3.39 0.57 21.51
C CYS A 103 -4.90 0.40 21.33
N GLN A 104 -5.65 0.41 22.44
CA GLN A 104 -7.13 0.35 22.37
C GLN A 104 -7.69 1.57 21.65
N LEU A 105 -7.23 2.75 22.02
CA LEU A 105 -7.66 4.00 21.40
C LEU A 105 -7.28 4.05 19.91
N SER A 106 -6.06 3.63 19.62
CA SER A 106 -5.55 3.59 18.25
C SER A 106 -6.38 2.65 17.36
N LYS A 107 -6.72 1.49 17.91
CA LYS A 107 -7.58 0.52 17.23
C LYS A 107 -8.96 1.11 16.96
N LYS A 108 -9.52 1.78 17.96
CA LYS A 108 -10.80 2.50 17.83
C LYS A 108 -10.77 3.53 16.68
N LEU A 109 -9.71 4.35 16.66
CA LEU A 109 -9.53 5.36 15.61
C LEU A 109 -8.95 4.81 14.28
N GLU A 110 -8.60 3.52 14.25
CA GLU A 110 -7.98 2.86 13.09
C GLU A 110 -6.70 3.58 12.67
N LEU A 111 -5.85 3.88 13.65
CA LEU A 111 -4.54 4.46 13.41
C LEU A 111 -3.54 3.61 14.16
N PRO A 112 -2.27 3.60 13.75
CA PRO A 112 -1.30 2.79 14.49
C PRO A 112 -0.90 3.43 15.81
N PRO A 113 -0.44 2.64 16.81
CA PRO A 113 -0.08 3.18 18.13
C PRO A 113 1.29 3.86 18.14
N ILE A 114 1.39 4.97 17.41
CA ILE A 114 2.58 5.80 17.38
C ILE A 114 2.15 7.21 16.96
N LEU A 115 2.92 8.21 17.37
CA LEU A 115 2.61 9.60 17.00
C LEU A 115 2.67 9.73 15.48
N VAL A 116 1.55 10.14 14.88
CA VAL A 116 1.48 10.38 13.43
C VAL A 116 1.32 11.87 13.12
N TYR A 117 1.49 12.20 11.85
CA TYR A 117 1.28 13.56 11.33
C TYR A 117 -0.09 14.12 11.73
N ALA A 118 -1.10 13.28 11.63
CA ALA A 118 -2.46 13.63 12.04
C ALA A 118 -2.62 13.96 13.53
N ASP A 119 -1.71 13.50 14.38
CA ASP A 119 -1.69 13.87 15.79
C ASP A 119 -0.94 15.18 15.97
N CYS A 120 0.34 15.18 15.58
CA CYS A 120 1.25 16.25 16.00
C CYS A 120 1.24 17.51 15.11
N VAL A 121 0.63 17.42 13.93
CA VAL A 121 0.38 18.61 13.09
C VAL A 121 -1.12 18.93 13.09
N LEU A 122 -1.92 17.98 12.62
CA LEU A 122 -3.33 18.24 12.33
C LEU A 122 -4.23 18.45 13.55
N ALA A 123 -3.88 17.84 14.69
CA ALA A 123 -4.67 17.95 15.93
C ALA A 123 -3.95 18.72 17.06
N ASN A 124 -2.77 19.24 16.77
CA ASN A 124 -1.86 19.80 17.77
C ASN A 124 -1.79 21.31 17.65
N TRP A 125 -2.94 21.97 17.69
CA TRP A 125 -2.96 23.41 17.48
C TRP A 125 -4.16 24.11 18.09
N LYS A 126 -4.02 25.42 18.21
CA LYS A 126 -5.11 26.29 18.65
C LYS A 126 -4.89 27.71 18.13
N LYS A 127 -5.98 28.47 18.07
CA LYS A 127 -5.90 29.92 17.92
C LYS A 127 -5.67 30.54 19.30
N LYS A 128 -4.78 31.52 19.37
CA LYS A 128 -4.65 32.36 20.57
C LYS A 128 -5.92 33.18 20.74
N ASP A 129 -6.30 33.89 19.68
CA ASP A 129 -7.55 34.64 19.60
C ASP A 129 -8.44 33.95 18.55
N PRO A 130 -9.54 33.30 19.00
CA PRO A 130 -10.55 32.70 18.10
C PRO A 130 -11.15 33.62 17.04
N ASN A 131 -11.20 34.93 17.31
CA ASN A 131 -11.74 35.92 16.37
C ASN A 131 -10.74 36.47 15.35
N LYS A 132 -9.49 36.01 15.39
CA LYS A 132 -8.46 36.37 14.41
C LYS A 132 -8.13 35.17 13.51
N PRO A 133 -7.49 35.42 12.34
CA PRO A 133 -7.30 34.34 11.36
C PRO A 133 -6.29 33.25 11.76
N LEU A 134 -6.28 32.18 10.98
CA LEU A 134 -5.28 31.12 11.10
C LEU A 134 -3.94 31.56 10.50
N THR A 135 -3.19 32.32 11.29
CA THR A 135 -1.83 32.77 10.95
C THR A 135 -0.90 32.37 12.08
N TYR A 136 0.40 32.32 11.79
CA TYR A 136 1.39 31.90 12.79
C TYR A 136 1.32 32.72 14.08
N GLU A 137 1.24 34.04 13.93
CA GLU A 137 1.18 34.97 15.08
C GLU A 137 -0.05 34.80 15.98
N ASN A 138 -1.12 34.19 15.44
CA ASN A 138 -2.34 33.91 16.19
C ASN A 138 -2.49 32.42 16.49
N MET A 139 -1.39 31.67 16.51
CA MET A 139 -1.48 30.24 16.76
C MET A 139 -0.41 29.73 17.72
N ASP A 140 -0.73 28.63 18.41
N ASP A 140 -0.75 28.63 18.41
CA ASP A 140 0.26 27.87 19.17
CA ASP A 140 0.17 27.88 19.27
C ASP A 140 -0.02 26.37 19.06
C ASP A 140 -0.02 26.37 19.04
N VAL A 141 0.99 25.58 19.41
CA VAL A 141 0.84 24.12 19.49
C VAL A 141 0.27 23.79 20.85
N LEU A 142 -0.24 22.57 21.00
CA LEU A 142 -0.74 22.11 22.29
C LEU A 142 0.38 21.44 23.07
N PHE A 143 1.24 20.68 22.38
CA PHE A 143 2.33 19.98 23.04
C PHE A 143 3.69 20.11 22.34
N SER A 144 4.74 20.09 23.16
N SER A 144 4.74 20.14 23.16
CA SER A 144 6.13 20.12 22.72
CA SER A 144 6.14 20.12 22.71
C SER A 144 6.92 19.10 23.57
C SER A 144 6.87 19.02 23.50
N PHE A 145 8.09 18.70 23.08
CA PHE A 145 8.93 17.70 23.77
C PHE A 145 9.94 18.30 24.75
N ARG A 146 10.75 19.24 24.25
CA ARG A 146 11.82 19.88 25.01
C ARG A 146 11.80 21.39 24.77
N ASP A 147 12.35 22.15 25.72
CA ASP A 147 12.53 23.58 25.53
C ASP A 147 13.58 23.80 24.44
N GLY A 148 13.28 24.73 23.52
CA GLY A 148 14.13 24.98 22.37
C GLY A 148 14.10 23.95 21.25
N ASP A 149 13.18 22.96 21.33
CA ASP A 149 13.04 21.96 20.25
C ASP A 149 12.45 22.48 18.92
N CYS A 150 11.95 23.71 18.91
CA CYS A 150 11.36 24.37 17.74
C CYS A 150 10.13 23.63 17.20
N SER A 151 9.41 22.95 18.09
CA SER A 151 8.22 22.18 17.70
C SER A 151 7.07 23.10 17.31
N LYS A 152 6.91 24.25 17.99
CA LYS A 152 5.95 25.26 17.56
C LYS A 152 6.17 25.63 16.09
N GLY A 153 7.40 26.06 15.77
CA GLY A 153 7.74 26.48 14.41
C GLY A 153 7.57 25.37 13.40
N PHE A 154 8.02 24.17 13.75
CA PHE A 154 7.92 23.05 12.83
C PHE A 154 6.47 22.59 12.61
N PHE A 155 5.75 22.34 13.71
CA PHE A 155 4.38 21.84 13.61
C PHE A 155 3.43 22.84 12.99
N LEU A 156 3.53 24.12 13.38
CA LEU A 156 2.60 25.14 12.89
C LEU A 156 2.84 25.55 11.44
N VAL A 157 4.09 25.68 11.04
CA VAL A 157 4.41 25.94 9.64
C VAL A 157 3.94 24.77 8.78
N SER A 158 4.18 23.52 9.24
CA SER A 158 3.65 22.33 8.57
C SER A 158 2.14 22.41 8.42
N LEU A 159 1.47 22.76 9.51
CA LEU A 159 0.02 22.94 9.50
C LEU A 159 -0.45 24.00 8.51
N LEU A 160 0.23 25.15 8.49
CA LEU A 160 -0.17 26.25 7.59
C LEU A 160 0.02 25.89 6.12
N VAL A 161 1.09 25.17 5.81
CA VAL A 161 1.35 24.70 4.45
C VAL A 161 0.24 23.74 4.01
N GLU A 162 -0.09 22.80 4.91
CA GLU A 162 -1.21 21.89 4.73
C GLU A 162 -2.52 22.64 4.48
N ILE A 163 -2.80 23.65 5.32
CA ILE A 163 -4.03 24.43 5.19
C ILE A 163 -4.10 25.20 3.86
N ALA A 164 -2.98 25.76 3.42
CA ALA A 164 -2.93 26.49 2.14
C ALA A 164 -3.11 25.54 0.94
N ALA A 165 -2.47 24.38 0.98
CA ALA A 165 -2.68 23.34 -0.04
C ALA A 165 -4.15 22.87 -0.05
N ALA A 166 -4.74 22.77 1.14
CA ALA A 166 -6.11 22.26 1.31
C ALA A 166 -7.22 23.15 0.75
N SER A 167 -6.93 24.42 0.48
CA SER A 167 -7.88 25.30 -0.17
C SER A 167 -8.29 24.82 -1.58
N ALA A 168 -7.42 24.08 -2.25
CA ALA A 168 -7.73 23.46 -3.56
C ALA A 168 -8.54 22.14 -3.48
N ILE A 169 -8.60 21.50 -2.31
CA ILE A 169 -9.37 20.24 -2.13
C ILE A 169 -10.82 20.38 -2.58
N LYS A 170 -11.46 21.49 -2.23
CA LYS A 170 -12.85 21.76 -2.62
C LYS A 170 -13.09 21.92 -4.13
N VAL A 171 -12.02 22.06 -4.91
CA VAL A 171 -12.08 22.11 -6.38
C VAL A 171 -12.19 20.70 -6.99
N ILE A 172 -11.81 19.67 -6.23
CA ILE A 172 -11.76 18.29 -6.74
C ILE A 172 -13.10 17.75 -7.29
N PRO A 173 -14.23 17.95 -6.56
CA PRO A 173 -15.52 17.59 -7.14
C PRO A 173 -15.82 18.27 -8.48
N THR A 174 -15.44 19.55 -8.60
CA THR A 174 -15.57 20.32 -9.85
C THR A 174 -14.76 19.69 -10.99
N VAL A 175 -13.56 19.23 -10.69
CA VAL A 175 -12.68 18.61 -11.68
C VAL A 175 -13.37 17.40 -12.31
N PHE A 176 -13.75 16.43 -11.48
CA PHE A 176 -14.39 15.21 -11.94
C PHE A 176 -15.76 15.45 -12.58
N LYS A 177 -16.51 16.40 -12.05
CA LYS A 177 -17.76 16.86 -12.68
C LYS A 177 -17.49 17.39 -14.09
N ALA A 178 -16.48 18.27 -14.20
CA ALA A 178 -16.08 18.83 -15.50
C ALA A 178 -15.61 17.78 -16.52
N MET A 179 -14.95 16.71 -16.06
CA MET A 179 -14.54 15.63 -16.94
C MET A 179 -15.71 14.80 -17.45
N GLN A 180 -16.56 14.33 -16.53
CA GLN A 180 -17.74 13.53 -16.87
C GLN A 180 -18.72 14.29 -17.76
N MET A 181 -18.93 15.56 -17.44
CA MET A 181 -19.79 16.44 -18.22
C MET A 181 -19.12 16.99 -19.50
N GLN A 182 -17.85 16.65 -19.73
CA GLN A 182 -17.05 17.19 -20.83
C GLN A 182 -17.15 18.71 -20.83
N GLU A 183 -16.72 19.32 -19.74
CA GLU A 183 -16.73 20.78 -19.58
C GLU A 183 -15.28 21.27 -19.57
N ARG A 184 -14.78 21.57 -20.77
CA ARG A 184 -13.40 22.05 -20.97
C ARG A 184 -13.09 23.32 -20.19
N ASP A 185 -14.01 24.28 -20.24
CA ASP A 185 -13.81 25.60 -19.63
C ASP A 185 -13.82 25.50 -18.11
N THR A 186 -14.80 24.78 -17.57
CA THR A 186 -14.87 24.52 -16.12
C THR A 186 -13.61 23.82 -15.62
N LEU A 187 -13.19 22.78 -16.33
CA LEU A 187 -11.96 22.04 -15.97
C LEU A 187 -10.71 22.92 -16.00
N LEU A 188 -10.58 23.73 -17.06
CA LEU A 188 -9.46 24.66 -17.21
C LEU A 188 -9.39 25.59 -16.00
N LYS A 189 -10.51 26.26 -15.69
CA LYS A 189 -10.62 27.12 -14.50
C LYS A 189 -10.24 26.38 -13.19
N ALA A 190 -10.78 25.18 -13.03
CA ALA A 190 -10.52 24.34 -11.85
C ALA A 190 -9.03 24.03 -11.69
N LEU A 191 -8.38 23.61 -12.78
CA LEU A 191 -6.94 23.34 -12.73
C LEU A 191 -6.10 24.58 -12.42
N LEU A 192 -6.49 25.75 -12.94
CA LEU A 192 -5.80 27.00 -12.61
C LEU A 192 -5.91 27.40 -11.14
N GLU A 193 -7.08 27.13 -10.54
CA GLU A 193 -7.29 27.38 -9.10
C GLU A 193 -6.45 26.47 -8.21
N ILE A 194 -6.29 25.21 -8.64
CA ILE A 194 -5.44 24.26 -7.93
C ILE A 194 -3.98 24.69 -7.97
N ALA A 195 -3.50 25.09 -9.14
CA ALA A 195 -2.12 25.59 -9.27
C ALA A 195 -1.89 26.78 -8.33
N SER A 196 -2.86 27.70 -8.30
CA SER A 196 -2.81 28.88 -7.43
C SER A 196 -2.63 28.52 -5.95
N CYS A 197 -3.39 27.54 -5.46
CA CYS A 197 -3.28 27.09 -4.07
C CYS A 197 -1.97 26.37 -3.74
N LEU A 198 -1.48 25.58 -4.68
CA LEU A 198 -0.19 24.90 -4.51
C LEU A 198 1.01 25.85 -4.59
N GLU A 199 0.87 26.87 -5.44
CA GLU A 199 1.83 27.97 -5.49
C GLU A 199 1.82 28.77 -4.19
N LYS A 200 0.62 29.12 -3.69
CA LYS A 200 0.48 29.79 -2.39
C LYS A 200 1.08 28.98 -1.24
N ALA A 201 0.87 27.67 -1.26
CA ALA A 201 1.42 26.77 -0.23
C ALA A 201 2.95 26.85 -0.13
N LEU A 202 3.63 27.04 -1.26
CA LEU A 202 5.08 27.22 -1.29
C LEU A 202 5.52 28.48 -0.55
N GLN A 203 4.81 29.58 -0.80
CA GLN A 203 5.12 30.85 -0.12
C GLN A 203 4.93 30.71 1.39
N VAL A 204 3.91 29.97 1.81
CA VAL A 204 3.69 29.65 3.24
C VAL A 204 4.92 28.92 3.84
N PHE A 205 5.50 28.00 3.07
CA PHE A 205 6.69 27.22 3.51
C PHE A 205 7.88 28.11 3.92
N HIS A 206 8.05 29.24 3.23
CA HIS A 206 9.19 30.15 3.47
C HIS A 206 9.36 30.55 4.95
N GLN A 207 8.25 30.59 5.68
CA GLN A 207 8.23 30.82 7.14
C GLN A 207 9.10 29.88 7.99
N ILE A 208 9.32 28.65 7.52
CA ILE A 208 10.07 27.64 8.28
C ILE A 208 11.41 28.19 8.81
N HIS A 209 12.09 28.99 7.97
CA HIS A 209 13.39 29.58 8.28
C HIS A 209 13.36 30.54 9.47
N ASP A 210 12.23 31.24 9.65
CA ASP A 210 12.05 32.20 10.74
C ASP A 210 11.86 31.54 12.11
N HIS A 211 11.23 30.36 12.14
CA HIS A 211 10.77 29.76 13.41
C HIS A 211 11.42 28.42 13.77
N VAL A 212 12.28 27.89 12.90
CA VAL A 212 12.99 26.65 13.20
C VAL A 212 14.49 26.85 12.97
N ASN A 213 15.26 26.47 13.98
CA ASN A 213 16.72 26.52 13.96
C ASN A 213 17.21 25.11 13.55
N PRO A 214 18.09 25.03 12.51
CA PRO A 214 18.62 23.72 12.06
C PRO A 214 19.23 22.84 13.14
N LYS A 215 20.09 23.40 13.98
CA LYS A 215 20.78 22.63 15.03
C LYS A 215 19.78 21.97 15.98
N ALA A 216 18.85 22.77 16.51
CA ALA A 216 17.79 22.28 17.40
C ALA A 216 16.87 21.26 16.73
N PHE A 217 16.50 21.54 15.48
CA PHE A 217 15.69 20.60 14.73
C PHE A 217 16.37 19.23 14.60
N PHE A 218 17.62 19.25 14.16
CA PHE A 218 18.37 18.03 13.89
C PHE A 218 18.72 17.28 15.17
N SER A 219 19.20 17.98 16.18
CA SER A 219 19.72 17.32 17.37
C SER A 219 18.64 16.87 18.36
N VAL A 220 17.48 17.53 18.34
CA VAL A 220 16.42 17.33 19.34
C VAL A 220 15.10 16.86 18.73
N LEU A 221 14.43 17.72 17.96
CA LEU A 221 13.08 17.43 17.48
C LEU A 221 13.03 16.19 16.59
N ARG A 222 14.01 16.06 15.69
CA ARG A 222 14.14 14.88 14.81
C ARG A 222 14.07 13.59 15.62
N ILE A 223 14.73 13.60 16.79
CA ILE A 223 14.84 12.42 17.64
C ILE A 223 13.47 12.00 18.16
N TYR A 224 12.73 12.96 18.71
CA TYR A 224 11.42 12.68 19.29
C TYR A 224 10.36 12.33 18.27
N LEU A 225 10.52 12.79 17.02
CA LEU A 225 9.64 12.40 15.91
C LEU A 225 9.90 11.03 15.28
N SER A 226 11.10 10.48 15.49
N SER A 226 11.10 10.49 15.50
CA SER A 226 11.47 9.21 14.86
CA SER A 226 11.49 9.21 14.91
C SER A 226 10.70 8.03 15.47
C SER A 226 10.69 8.04 15.48
N GLY A 227 10.60 6.95 14.72
CA GLY A 227 9.86 5.76 15.12
C GLY A 227 10.71 4.53 15.24
N TRP A 228 10.06 3.39 15.07
CA TRP A 228 10.72 2.09 15.22
C TRP A 228 10.27 1.14 14.11
N LYS A 229 10.49 1.56 12.86
CA LYS A 229 10.41 0.68 11.70
C LYS A 229 11.71 0.80 10.91
N GLY A 230 12.43 -0.32 10.76
CA GLY A 230 13.78 -0.31 10.18
C GLY A 230 14.76 0.60 10.91
N ASN A 231 14.58 0.71 12.24
CA ASN A 231 15.42 1.54 13.09
C ASN A 231 16.36 0.62 13.86
N PRO A 232 17.69 0.67 13.58
CA PRO A 232 18.67 -0.17 14.31
C PRO A 232 18.62 -0.08 15.85
N GLN A 233 18.17 1.06 16.37
CA GLN A 233 17.98 1.24 17.81
C GLN A 233 16.91 0.32 18.39
N LEU A 234 15.83 0.12 17.64
CA LEU A 234 14.75 -0.82 17.99
C LEU A 234 14.53 -1.77 16.82
N SER A 235 15.51 -2.64 16.62
CA SER A 235 15.59 -3.61 15.53
C SER A 235 14.29 -4.35 15.21
N ASP A 236 13.62 -4.84 16.25
CA ASP A 236 12.41 -5.67 16.10
C ASP A 236 11.12 -4.90 16.36
N GLY A 237 11.24 -3.60 16.68
CA GLY A 237 10.12 -2.74 17.02
C GLY A 237 10.03 -2.52 18.52
N LEU A 238 8.86 -2.06 18.97
CA LEU A 238 8.58 -1.77 20.37
C LEU A 238 7.60 -2.79 20.93
N VAL A 239 7.85 -3.25 22.15
CA VAL A 239 6.90 -4.10 22.87
C VAL A 239 5.84 -3.19 23.51
N TYR A 240 4.61 -3.32 23.03
CA TYR A 240 3.45 -2.71 23.64
C TYR A 240 2.96 -3.74 24.65
N GLU A 241 3.47 -3.62 25.87
CA GLU A 241 3.27 -4.62 26.92
C GLU A 241 1.78 -4.78 27.25
N GLY A 242 1.31 -6.03 27.28
CA GLY A 242 -0.09 -6.32 27.58
C GLY A 242 -1.05 -6.33 26.40
N PHE A 243 -0.65 -5.76 25.26
CA PHE A 243 -1.51 -5.73 24.07
C PHE A 243 -1.05 -6.76 23.04
N TRP A 244 0.22 -6.67 22.65
CA TRP A 244 0.88 -7.71 21.85
C TRP A 244 2.09 -8.25 22.60
N GLU A 245 2.35 -9.55 22.46
CA GLU A 245 3.50 -10.20 23.07
C GLU A 245 4.79 -9.87 22.31
N ASP A 246 4.72 -9.91 20.98
CA ASP A 246 5.87 -9.65 20.11
C ASP A 246 6.07 -8.15 19.90
N PRO A 247 7.34 -7.71 19.70
CA PRO A 247 7.55 -6.31 19.38
C PRO A 247 6.99 -5.99 17.99
N LYS A 248 6.47 -4.77 17.85
CA LYS A 248 5.80 -4.31 16.65
C LYS A 248 6.47 -3.06 16.12
N GLU A 249 6.66 -3.02 14.81
CA GLU A 249 7.33 -1.91 14.14
C GLU A 249 6.31 -0.95 13.57
N PHE A 250 6.46 0.32 13.90
CA PHE A 250 5.67 1.39 13.32
C PHE A 250 6.58 2.56 13.00
N ALA A 251 6.37 3.14 11.83
CA ALA A 251 7.14 4.26 11.33
C ALA A 251 6.83 5.52 12.12
N GLY A 252 7.86 6.33 12.30
CA GLY A 252 7.72 7.67 12.84
C GLY A 252 7.02 8.58 11.85
N GLY A 253 6.71 9.78 12.31
CA GLY A 253 5.95 10.74 11.52
C GLY A 253 6.60 11.09 10.18
N SER A 254 5.77 11.44 9.21
CA SER A 254 6.20 11.84 7.88
C SER A 254 5.09 12.66 7.27
N ALA A 255 5.44 13.72 6.53
CA ALA A 255 4.43 14.42 5.74
C ALA A 255 4.07 13.62 4.48
N GLY A 256 4.72 12.47 4.28
CA GLY A 256 4.16 11.38 3.48
C GLY A 256 2.79 10.92 3.96
N GLN A 257 2.53 11.08 5.26
CA GLN A 257 1.22 10.80 5.85
C GLN A 257 0.23 11.94 5.64
N SER A 258 0.66 13.05 5.06
CA SER A 258 -0.26 14.12 4.69
C SER A 258 -1.12 13.67 3.54
N SER A 259 -2.43 13.79 3.73
CA SER A 259 -3.37 13.42 2.69
C SER A 259 -3.44 14.44 1.55
N VAL A 260 -3.17 15.73 1.80
N VAL A 260 -3.14 15.71 1.80
CA VAL A 260 -3.28 16.77 0.75
CA VAL A 260 -3.33 16.75 0.76
C VAL A 260 -2.34 16.54 -0.42
C VAL A 260 -2.34 16.60 -0.41
N PHE A 261 -1.09 16.23 -0.13
CA PHE A 261 -0.07 16.07 -1.18
C PHE A 261 -0.20 14.75 -1.90
N GLN A 262 -0.57 13.69 -1.16
CA GLN A 262 -0.95 12.44 -1.79
C GLN A 262 -2.18 12.61 -2.70
N CYS A 263 -3.12 13.44 -2.25
N CYS A 263 -3.14 13.45 -2.29
CA CYS A 263 -4.35 13.78 -2.95
CA CYS A 263 -4.36 13.70 -3.06
C CYS A 263 -4.12 14.38 -4.34
C CYS A 263 -4.10 14.36 -4.40
N PHE A 264 -3.22 15.37 -4.42
CA PHE A 264 -2.90 16.04 -5.68
C PHE A 264 -2.00 15.22 -6.59
N ASP A 265 -1.15 14.36 -6.02
CA ASP A 265 -0.45 13.36 -6.84
C ASP A 265 -1.44 12.45 -7.54
N VAL A 266 -2.39 11.91 -6.77
CA VAL A 266 -3.47 11.07 -7.32
C VAL A 266 -4.31 11.84 -8.34
N LEU A 267 -4.76 13.03 -7.96
CA LEU A 267 -5.62 13.84 -8.83
C LEU A 267 -4.96 14.09 -10.18
N LEU A 268 -3.67 14.43 -10.15
CA LEU A 268 -2.92 14.78 -11.36
C LEU A 268 -2.30 13.56 -12.08
N GLY A 269 -2.63 12.34 -11.64
CA GLY A 269 -2.15 11.12 -12.28
C GLY A 269 -0.64 10.93 -12.22
N ILE A 270 -0.02 11.45 -11.18
CA ILE A 270 1.43 11.33 -10.99
C ILE A 270 1.89 9.88 -10.63
N GLN A 271 0.99 9.07 -10.06
N GLN A 271 0.98 9.10 -10.04
CA GLN A 271 1.24 7.65 -9.78
CA GLN A 271 1.20 7.67 -9.74
C GLN A 271 2.47 7.40 -8.88
C GLN A 271 2.45 7.41 -8.88
N GLN A 272 2.49 8.10 -7.74
CA GLN A 272 3.60 7.98 -6.77
C GLN A 272 3.66 6.61 -6.11
N THR A 273 2.49 5.99 -5.95
CA THR A 273 2.35 4.68 -5.31
C THR A 273 2.38 3.52 -6.29
N ALA A 274 2.48 3.80 -7.59
CA ALA A 274 2.54 2.76 -8.61
C ALA A 274 3.95 2.22 -8.82
N GLY A 275 4.05 0.94 -9.17
CA GLY A 275 5.24 0.37 -9.79
C GLY A 275 6.06 -0.64 -9.02
N GLY A 276 5.82 -0.79 -7.72
CA GLY A 276 6.53 -1.79 -6.91
C GLY A 276 7.87 -1.35 -6.30
N GLY A 277 8.24 -0.08 -6.48
CA GLY A 277 9.50 0.42 -5.96
C GLY A 277 9.48 0.83 -4.50
N HIS A 278 10.66 1.19 -4.00
CA HIS A 278 10.88 1.56 -2.60
C HIS A 278 10.07 2.78 -2.15
N ALA A 279 10.12 3.85 -2.95
CA ALA A 279 9.46 5.11 -2.61
C ALA A 279 7.94 4.96 -2.65
N ALA A 280 7.45 4.28 -3.68
CA ALA A 280 6.03 3.94 -3.81
C ALA A 280 5.51 3.15 -2.61
N GLN A 281 6.29 2.16 -2.18
CA GLN A 281 5.96 1.29 -1.05
C GLN A 281 5.78 2.12 0.22
N PHE A 282 6.71 3.06 0.43
CA PHE A 282 6.69 3.91 1.62
C PHE A 282 5.44 4.79 1.66
N LEU A 283 5.18 5.49 0.55
CA LEU A 283 4.03 6.39 0.45
C LEU A 283 2.70 5.66 0.53
N GLN A 284 2.61 4.45 -0.03
CA GLN A 284 1.44 3.61 0.15
C GLN A 284 1.28 3.19 1.61
N ASP A 285 2.35 2.71 2.23
CA ASP A 285 2.35 2.35 3.67
C ASP A 285 1.89 3.52 4.54
N MET A 286 2.37 4.73 4.22
CA MET A 286 2.02 5.94 4.98
C MET A 286 0.52 6.24 4.99
N ARG A 287 -0.22 5.71 4.03
CA ARG A 287 -1.71 5.89 4.02
C ARG A 287 -2.35 5.17 5.22
N ARG A 288 -1.72 4.15 5.79
CA ARG A 288 -2.25 3.44 6.98
C ARG A 288 -2.08 4.31 8.23
N TYR A 289 -1.25 5.35 8.13
CA TYR A 289 -1.00 6.27 9.27
C TYR A 289 -1.96 7.47 9.15
N MET A 290 -2.74 7.53 8.07
CA MET A 290 -3.75 8.57 7.90
C MET A 290 -5.08 8.16 8.56
N PRO A 291 -5.89 9.13 9.02
CA PRO A 291 -7.24 8.78 9.47
C PRO A 291 -8.03 8.04 8.40
N PRO A 292 -8.82 7.02 8.78
CA PRO A 292 -9.47 6.13 7.80
C PRO A 292 -10.36 6.85 6.77
N ALA A 293 -11.05 7.90 7.19
CA ALA A 293 -11.87 8.70 6.28
C ALA A 293 -11.02 9.36 5.18
N HIS A 294 -9.79 9.72 5.50
CA HIS A 294 -8.87 10.37 4.55
C HIS A 294 -8.21 9.37 3.61
N ARG A 295 -7.84 8.23 4.17
CA ARG A 295 -7.49 6.99 3.45
C ARG A 295 -8.54 6.67 2.38
N ASN A 296 -9.80 6.66 2.81
CA ASN A 296 -10.93 6.37 1.93
C ASN A 296 -11.08 7.41 0.84
N PHE A 297 -10.85 8.67 1.18
CA PHE A 297 -10.92 9.76 0.21
C PHE A 297 -9.85 9.59 -0.88
N LEU A 298 -8.64 9.18 -0.51
CA LEU A 298 -7.56 8.90 -1.50
C LEU A 298 -7.92 7.75 -2.42
N CYS A 299 -8.42 6.67 -1.84
CA CYS A 299 -8.91 5.51 -2.59
C CYS A 299 -9.98 5.89 -3.59
N SER A 300 -10.91 6.73 -3.15
CA SER A 300 -11.98 7.27 -3.98
C SER A 300 -11.42 8.01 -5.19
N LEU A 301 -10.43 8.87 -4.96
CA LEU A 301 -9.79 9.62 -6.05
C LEU A 301 -9.12 8.69 -7.06
N GLU A 302 -8.48 7.64 -6.58
CA GLU A 302 -7.80 6.69 -7.47
C GLU A 302 -8.75 5.88 -8.32
N SER A 303 -9.97 5.68 -7.85
CA SER A 303 -11.00 4.95 -8.58
C SER A 303 -11.65 5.79 -9.68
N ASN A 304 -11.56 7.12 -9.58
CA ASN A 304 -12.11 8.02 -10.61
C ASN A 304 -11.20 8.05 -11.85
N PRO A 305 -11.74 8.43 -13.01
CA PRO A 305 -10.87 8.49 -14.21
C PRO A 305 -9.71 9.50 -14.10
N SER A 306 -8.65 9.25 -14.85
CA SER A 306 -7.43 10.05 -14.78
C SER A 306 -7.62 11.44 -15.40
N VAL A 307 -7.24 12.47 -14.66
CA VAL A 307 -7.17 13.84 -15.16
C VAL A 307 -6.06 13.96 -16.21
N ARG A 308 -4.89 13.37 -15.92
CA ARG A 308 -3.75 13.38 -16.84
C ARG A 308 -4.11 12.82 -18.21
N GLU A 309 -4.76 11.67 -18.24
CA GLU A 309 -5.17 11.03 -19.50
C GLU A 309 -6.23 11.82 -20.24
N PHE A 310 -7.17 12.42 -19.50
CA PHE A 310 -8.17 13.33 -20.08
C PHE A 310 -7.49 14.51 -20.77
N VAL A 311 -6.59 15.19 -20.06
CA VAL A 311 -5.87 16.33 -20.64
C VAL A 311 -4.97 15.89 -21.79
N LEU A 312 -4.22 14.79 -21.58
CA LEU A 312 -3.35 14.23 -22.64
C LEU A 312 -4.07 13.93 -23.95
N SER A 313 -5.32 13.47 -23.85
CA SER A 313 -6.08 13.04 -25.02
C SER A 313 -6.61 14.20 -25.87
N LYS A 314 -6.74 15.40 -25.30
CA LYS A 314 -7.64 16.44 -25.83
C LYS A 314 -7.07 17.41 -26.88
N GLY A 315 -5.74 17.53 -26.98
CA GLY A 315 -5.11 18.37 -27.99
C GLY A 315 -5.41 19.86 -27.78
N ASP A 316 -5.33 20.25 -26.52
CA ASP A 316 -5.85 21.51 -26.01
C ASP A 316 -4.72 22.18 -25.22
N ALA A 317 -4.02 23.10 -25.87
CA ALA A 317 -2.88 23.79 -25.29
C ALA A 317 -3.24 24.49 -23.97
N GLY A 318 -4.41 25.10 -23.90
CA GLY A 318 -4.90 25.76 -22.68
C GLY A 318 -4.99 24.83 -21.47
N LEU A 319 -5.64 23.68 -21.67
CA LEU A 319 -5.74 22.65 -20.63
C LEU A 319 -4.39 22.06 -20.24
N ARG A 320 -3.53 21.80 -21.22
CA ARG A 320 -2.19 21.25 -20.95
C ARG A 320 -1.36 22.18 -20.08
N GLU A 321 -1.38 23.49 -20.39
CA GLU A 321 -0.66 24.48 -19.57
C GLU A 321 -1.19 24.57 -18.14
N ALA A 322 -2.51 24.55 -17.99
CA ALA A 322 -3.15 24.56 -16.68
C ALA A 322 -2.81 23.31 -15.89
N TYR A 323 -2.88 22.16 -16.56
CA TYR A 323 -2.44 20.91 -15.96
C TYR A 323 -0.98 21.00 -15.53
N ASP A 324 -0.11 21.40 -16.46
CA ASP A 324 1.33 21.54 -16.19
C ASP A 324 1.63 22.53 -15.06
N ALA A 325 0.83 23.58 -14.94
CA ALA A 325 0.96 24.54 -13.84
C ALA A 325 0.75 23.88 -12.48
N CYS A 326 -0.16 22.90 -12.42
CA CYS A 326 -0.37 22.13 -11.19
C CYS A 326 0.84 21.26 -10.88
N VAL A 327 1.36 20.57 -11.90
CA VAL A 327 2.54 19.72 -11.75
C VAL A 327 3.77 20.55 -11.39
N LYS A 328 4.01 21.66 -12.09
CA LYS A 328 5.13 22.55 -11.79
C LYS A 328 5.09 23.02 -10.33
N ALA A 329 3.90 23.35 -9.84
CA ALA A 329 3.73 23.79 -8.46
C ALA A 329 4.15 22.71 -7.46
N LEU A 330 3.83 21.45 -7.78
CA LEU A 330 4.26 20.32 -6.94
C LEU A 330 5.78 20.08 -7.00
N VAL A 331 6.36 20.18 -8.19
CA VAL A 331 7.82 20.10 -8.37
C VAL A 331 8.54 21.22 -7.57
N SER A 332 8.05 22.45 -7.72
CA SER A 332 8.67 23.60 -7.05
C SER A 332 8.63 23.46 -5.52
N LEU A 333 7.50 23.00 -5.01
CA LEU A 333 7.34 22.67 -3.59
C LEU A 333 8.37 21.64 -3.16
N ARG A 334 8.42 20.53 -3.90
CA ARG A 334 9.41 19.46 -3.63
C ARG A 334 10.87 19.86 -3.79
N SER A 335 11.15 20.78 -4.71
CA SER A 335 12.50 21.30 -4.90
C SER A 335 12.93 22.17 -3.72
N TYR A 336 12.05 23.07 -3.31
CA TYR A 336 12.27 23.88 -2.14
C TYR A 336 12.44 23.03 -0.87
N HIS A 337 11.60 22.01 -0.75
CA HIS A 337 11.66 21.04 0.33
C HIS A 337 13.01 20.31 0.41
N LEU A 338 13.56 19.90 -0.74
CA LEU A 338 14.91 19.35 -0.78
C LEU A 338 15.96 20.30 -0.21
N GLN A 339 15.86 21.58 -0.55
CA GLN A 339 16.79 22.60 -0.06
C GLN A 339 16.66 22.77 1.47
N ILE A 340 15.44 22.63 1.97
CA ILE A 340 15.16 22.56 3.42
C ILE A 340 15.90 21.39 4.08
N VAL A 341 15.83 20.21 3.47
CA VAL A 341 16.48 19.02 4.01
C VAL A 341 18.01 19.18 4.05
N THR A 342 18.57 19.84 3.04
CA THR A 342 20.00 20.17 3.04
C THR A 342 20.37 21.07 4.24
N LYS A 343 19.57 22.10 4.48
CA LYS A 343 19.81 23.04 5.57
C LYS A 343 19.53 22.43 6.95
N TYR A 344 18.43 21.71 7.08
CA TYR A 344 17.94 21.23 8.38
C TYR A 344 18.39 19.83 8.80
N ILE A 345 18.88 19.02 7.85
CA ILE A 345 19.38 17.68 8.15
C ILE A 345 20.82 17.48 7.70
N LEU A 346 21.10 17.67 6.41
CA LEU A 346 22.43 17.33 5.87
C LEU A 346 23.55 18.13 6.51
N ILE A 347 23.36 19.45 6.60
CA ILE A 347 24.40 20.35 7.10
C ILE A 347 24.65 20.11 8.60
N PRO A 348 23.60 20.13 9.44
CA PRO A 348 23.75 19.76 10.86
C PRO A 348 24.37 18.39 11.07
N ALA A 349 23.97 17.38 10.28
CA ALA A 349 24.56 16.04 10.38
C ALA A 349 26.07 16.04 10.12
N SER A 350 26.51 16.88 9.17
CA SER A 350 27.94 17.03 8.88
C SER A 350 28.71 17.74 10.00
N GLN A 351 28.05 18.61 10.74
CA GLN A 351 28.65 19.43 11.80
C GLN A 351 28.69 18.75 13.18
N GLN A 352 28.06 17.58 13.34
CA GLN A 352 28.01 16.92 14.65
C GLN A 352 29.34 16.17 14.94
N PRO A 353 29.77 16.13 16.22
CA PRO A 353 31.06 15.50 16.56
C PRO A 353 31.00 13.97 16.55
N GLY A 371 20.71 7.00 6.06
CA GLY A 371 21.22 8.32 6.38
C GLY A 371 20.78 9.41 5.41
N GLY A 372 21.56 10.49 5.34
CA GLY A 372 21.21 11.68 4.57
C GLY A 372 21.00 11.42 3.09
N THR A 373 21.92 10.66 2.49
CA THR A 373 21.83 10.31 1.06
C THR A 373 20.56 9.51 0.73
N ASP A 374 20.20 8.55 1.60
CA ASP A 374 19.01 7.73 1.38
C ASP A 374 17.74 8.55 1.52
N LEU A 375 17.73 9.51 2.45
CA LEU A 375 16.62 10.43 2.59
C LEU A 375 16.47 11.32 1.35
N MET A 376 17.57 11.92 0.90
CA MET A 376 17.58 12.78 -0.29
C MET A 376 17.16 12.03 -1.55
N ASN A 377 17.67 10.80 -1.71
CA ASN A 377 17.33 9.97 -2.86
C ASN A 377 15.86 9.60 -2.92
N PHE A 378 15.27 9.32 -1.76
CA PHE A 378 13.83 9.09 -1.69
C PHE A 378 13.06 10.33 -2.18
N LEU A 379 13.40 11.49 -1.64
CA LEU A 379 12.76 12.73 -2.02
C LEU A 379 12.96 13.11 -3.49
N LYS A 380 14.14 12.81 -4.02
CA LYS A 380 14.46 13.06 -5.43
C LYS A 380 13.68 12.12 -6.36
N THR A 381 13.49 10.86 -5.94
CA THR A 381 12.62 9.91 -6.66
C THR A 381 11.20 10.45 -6.78
N VAL A 382 10.66 10.94 -5.67
CA VAL A 382 9.31 11.50 -5.63
C VAL A 382 9.18 12.80 -6.47
N ARG A 383 10.20 13.65 -6.39
CA ARG A 383 10.26 14.84 -7.23
C ARG A 383 10.32 14.50 -8.71
N SER A 384 11.20 13.55 -9.05
CA SER A 384 11.39 13.15 -10.44
C SER A 384 10.12 12.56 -11.05
N THR A 385 9.41 11.75 -10.26
CA THR A 385 8.12 11.19 -10.69
C THR A 385 7.11 12.31 -10.97
N THR A 386 7.15 13.36 -10.15
CA THR A 386 6.35 14.56 -10.36
C THR A 386 6.74 15.29 -11.66
N GLU A 387 8.03 15.64 -11.81
CA GLU A 387 8.55 16.30 -13.03
C GLU A 387 8.23 15.52 -14.32
N LYS A 388 8.38 14.20 -14.24
CA LYS A 388 8.11 13.30 -15.37
C LYS A 388 6.63 13.22 -15.78
N SER A 389 5.72 13.79 -14.98
CA SER A 389 4.31 13.94 -15.36
C SER A 389 4.02 15.20 -16.17
N LEU A 390 5.01 16.09 -16.34
CA LEU A 390 4.82 17.26 -17.22
C LEU A 390 4.53 16.79 -18.63
N LEU A 391 3.53 17.40 -19.26
CA LEU A 391 3.13 17.09 -20.64
C LEU A 391 4.07 17.80 -21.62
N LYS A 392 4.40 19.06 -21.31
CA LYS A 392 5.34 19.85 -22.12
C LYS A 392 6.75 19.72 -21.56
N ILE B 2 -21.46 -4.63 -9.73
CA ILE B 2 -20.08 -4.04 -9.62
C ILE B 2 -19.78 -3.20 -10.87
N SER B 3 -19.35 -1.96 -10.66
CA SER B 3 -19.03 -1.04 -11.76
C SER B 3 -17.95 -1.61 -12.68
N LYS B 4 -18.16 -1.40 -13.99
CA LYS B 4 -17.29 -1.94 -15.04
C LYS B 4 -15.85 -1.39 -14.98
N GLU B 5 -15.68 -0.23 -14.34
CA GLU B 5 -14.37 0.36 -14.07
C GLU B 5 -13.45 -0.48 -13.17
N TYR B 6 -14.00 -1.37 -12.36
CA TYR B 6 -13.18 -2.32 -11.59
C TYR B 6 -12.67 -3.52 -12.40
N HIS B 7 -13.20 -3.73 -13.61
CA HIS B 7 -12.72 -4.78 -14.53
C HIS B 7 -12.77 -6.19 -13.90
N ILE B 8 -13.92 -6.47 -13.31
CA ILE B 8 -14.24 -7.75 -12.70
C ILE B 8 -15.33 -8.36 -13.59
N ASP B 9 -15.03 -9.54 -14.12
CA ASP B 9 -15.92 -10.25 -15.02
C ASP B 9 -16.91 -11.08 -14.22
N GLU B 10 -18.11 -11.25 -14.76
CA GLU B 10 -19.16 -12.02 -14.08
C GLU B 10 -18.79 -13.51 -13.97
N GLU B 11 -18.15 -14.05 -15.00
CA GLU B 11 -17.81 -15.47 -15.05
C GLU B 11 -16.49 -15.76 -14.34
N VAL B 12 -15.44 -15.03 -14.73
CA VAL B 12 -14.07 -15.31 -14.27
C VAL B 12 -13.50 -14.32 -13.25
N GLY B 13 -14.32 -13.42 -12.72
CA GLY B 13 -13.89 -12.45 -11.72
C GLY B 13 -12.70 -11.59 -12.14
N PHE B 14 -11.60 -11.71 -11.39
CA PHE B 14 -10.40 -10.92 -11.63
C PHE B 14 -9.56 -11.44 -12.77
N ALA B 15 -9.79 -12.68 -13.22
CA ALA B 15 -9.12 -13.16 -14.42
C ALA B 15 -9.48 -12.31 -15.65
N LEU B 16 -8.55 -12.26 -16.60
CA LEU B 16 -8.77 -11.59 -17.87
C LEU B 16 -9.67 -12.50 -18.71
N PRO B 17 -10.89 -12.04 -19.08
CA PRO B 17 -11.75 -12.93 -19.88
C PRO B 17 -11.17 -13.11 -21.28
N ASN B 18 -11.23 -14.36 -21.76
N ASN B 18 -11.25 -14.33 -21.81
CA ASN B 18 -10.78 -14.74 -23.10
CA ASN B 18 -10.79 -14.67 -23.16
C ASN B 18 -9.50 -14.03 -23.54
C ASN B 18 -9.48 -13.97 -23.53
N PRO B 19 -8.36 -14.36 -22.87
CA PRO B 19 -7.07 -13.75 -23.18
C PRO B 19 -6.63 -13.86 -24.65
N GLN B 20 -5.94 -12.84 -25.12
CA GLN B 20 -5.35 -12.86 -26.46
C GLN B 20 -4.21 -13.88 -26.51
N GLU B 21 -4.12 -14.59 -27.63
CA GLU B 21 -3.10 -15.62 -27.84
C GLU B 21 -1.96 -15.17 -28.75
N ASN B 22 -2.27 -14.32 -29.73
CA ASN B 22 -1.30 -13.86 -30.72
C ASN B 22 -1.17 -12.35 -30.68
N LEU B 23 0.07 -11.86 -30.74
CA LEU B 23 0.36 -10.43 -30.87
C LEU B 23 0.30 -10.04 -32.33
N PRO B 24 0.24 -8.73 -32.62
CA PRO B 24 0.46 -8.27 -34.00
C PRO B 24 1.75 -8.83 -34.61
N ASP B 25 1.78 -8.97 -35.94
CA ASP B 25 2.96 -9.50 -36.66
C ASP B 25 4.24 -8.75 -36.35
N PHE B 26 4.13 -7.45 -36.10
CA PHE B 26 5.24 -6.59 -35.65
C PHE B 26 6.07 -7.23 -34.53
N TYR B 27 5.40 -7.94 -33.61
CA TYR B 27 6.04 -8.57 -32.46
C TYR B 27 6.41 -10.06 -32.61
N ASN B 28 6.41 -10.57 -33.84
CA ASN B 28 6.78 -11.98 -34.11
C ASN B 28 8.07 -12.44 -33.43
N ASP B 29 9.09 -11.58 -33.39
CA ASP B 29 10.35 -11.92 -32.72
C ASP B 29 10.19 -12.18 -31.23
N TRP B 30 9.30 -11.44 -30.57
CA TRP B 30 8.98 -11.70 -29.16
C TRP B 30 8.24 -13.03 -29.02
N MET B 31 7.20 -13.19 -29.83
CA MET B 31 6.38 -14.40 -29.80
C MET B 31 7.17 -15.67 -30.04
N PHE B 32 8.09 -15.65 -31.00
CA PHE B 32 8.92 -16.84 -31.26
C PHE B 32 9.68 -17.29 -30.02
N ILE B 33 10.31 -16.34 -29.33
CA ILE B 33 11.09 -16.65 -28.13
C ILE B 33 10.18 -17.21 -27.02
N ALA B 34 9.06 -16.52 -26.78
CA ALA B 34 8.10 -16.93 -25.73
C ALA B 34 7.48 -18.31 -26.00
N LYS B 35 7.11 -18.54 -27.27
CA LYS B 35 6.51 -19.80 -27.70
C LYS B 35 7.47 -20.98 -27.67
N HIS B 36 8.79 -20.71 -27.73
CA HIS B 36 9.80 -21.74 -27.78
C HIS B 36 10.80 -21.66 -26.62
N LEU B 37 10.36 -21.11 -25.47
CA LEU B 37 11.23 -21.02 -24.29
C LEU B 37 11.84 -22.36 -23.88
N PRO B 38 11.03 -23.43 -23.76
CA PRO B 38 11.62 -24.72 -23.41
C PRO B 38 12.74 -25.14 -24.35
N ASP B 39 12.54 -24.95 -25.66
CA ASP B 39 13.52 -25.37 -26.67
C ASP B 39 14.76 -24.48 -26.63
N LEU B 40 14.53 -23.18 -26.49
CA LEU B 40 15.63 -22.20 -26.49
C LEU B 40 16.47 -22.28 -25.22
N ILE B 41 15.82 -22.52 -24.08
CA ILE B 41 16.54 -22.71 -22.81
C ILE B 41 17.37 -23.98 -22.85
N GLU B 42 16.75 -25.10 -23.25
N GLU B 42 16.75 -25.10 -23.23
CA GLU B 42 17.43 -26.40 -23.27
CA GLU B 42 17.44 -26.41 -23.29
C GLU B 42 18.64 -26.43 -24.23
C GLU B 42 18.66 -26.40 -24.21
N SER B 43 18.56 -25.69 -25.34
CA SER B 43 19.67 -25.58 -26.31
C SER B 43 20.70 -24.49 -25.98
N GLY B 44 20.46 -23.69 -24.95
CA GLY B 44 21.35 -22.60 -24.59
C GLY B 44 21.31 -21.47 -25.62
N GLN B 45 20.17 -21.32 -26.29
CA GLN B 45 20.01 -20.32 -27.35
C GLN B 45 19.13 -19.14 -26.93
N LEU B 46 18.48 -19.24 -25.77
CA LEU B 46 17.53 -18.22 -25.33
C LEU B 46 18.20 -16.86 -25.15
N ARG B 47 19.30 -16.83 -24.43
CA ARG B 47 19.99 -15.56 -24.15
C ARG B 47 20.47 -14.87 -25.42
N GLU B 48 21.05 -15.64 -26.33
CA GLU B 48 21.49 -15.14 -27.65
C GLU B 48 20.31 -14.56 -28.44
N ARG B 49 19.19 -15.26 -28.46
CA ARG B 49 18.01 -14.79 -29.18
C ARG B 49 17.50 -13.45 -28.62
N VAL B 50 17.46 -13.35 -27.30
CA VAL B 50 17.05 -12.12 -26.62
C VAL B 50 18.03 -11.00 -26.95
N GLU B 51 19.33 -11.30 -26.87
CA GLU B 51 20.38 -10.31 -27.18
C GLU B 51 20.35 -9.84 -28.64
N LYS B 52 19.88 -10.69 -29.55
CA LYS B 52 19.75 -10.36 -30.98
C LYS B 52 18.51 -9.54 -31.33
N LEU B 53 17.55 -9.43 -30.41
CA LEU B 53 16.36 -8.62 -30.61
C LEU B 53 16.71 -7.16 -30.90
N ASN B 54 16.00 -6.58 -31.87
CA ASN B 54 15.91 -5.13 -32.01
C ASN B 54 14.91 -4.61 -31.00
N MET B 55 15.11 -3.38 -30.53
CA MET B 55 14.16 -2.70 -29.65
C MET B 55 12.88 -2.38 -30.41
N LEU B 56 11.76 -3.01 -30.02
CA LEU B 56 10.47 -2.80 -30.67
C LEU B 56 9.61 -1.84 -29.85
N SER B 57 8.99 -0.89 -30.54
CA SER B 57 8.05 0.05 -29.94
C SER B 57 6.83 -0.69 -29.41
N ILE B 58 6.31 -0.26 -28.26
CA ILE B 58 5.06 -0.81 -27.72
C ILE B 58 3.80 -0.11 -28.25
N ASP B 59 3.99 0.88 -29.13
CA ASP B 59 2.87 1.72 -29.62
C ASP B 59 1.88 0.96 -30.52
N HIS B 60 2.30 -0.18 -31.06
CA HIS B 60 1.42 -1.03 -31.87
C HIS B 60 0.63 -2.06 -31.05
N LEU B 61 0.75 -2.01 -29.72
CA LEU B 61 -0.12 -2.76 -28.80
C LEU B 61 -1.27 -1.83 -28.40
N THR B 62 -2.37 -1.92 -29.13
CA THR B 62 -3.39 -0.88 -29.19
C THR B 62 -4.57 -1.06 -28.23
N ASP B 63 -4.66 -2.22 -27.57
CA ASP B 63 -5.71 -2.49 -26.58
C ASP B 63 -5.18 -3.21 -25.36
N HIS B 64 -6.00 -3.29 -24.33
CA HIS B 64 -5.61 -3.89 -23.05
C HIS B 64 -5.18 -5.35 -23.16
N LYS B 65 -5.90 -6.15 -23.95
CA LYS B 65 -5.56 -7.57 -24.12
C LYS B 65 -4.24 -7.79 -24.85
N SER B 66 -3.96 -6.99 -25.89
CA SER B 66 -2.67 -7.09 -26.59
C SER B 66 -1.52 -6.70 -25.65
N GLN B 67 -1.75 -5.68 -24.82
CA GLN B 67 -0.77 -5.25 -23.81
C GLN B 67 -0.55 -6.28 -22.69
N ARG B 68 -1.63 -6.92 -22.24
CA ARG B 68 -1.54 -7.96 -21.21
C ARG B 68 -0.83 -9.21 -21.75
N LEU B 69 -1.07 -9.54 -23.02
CA LEU B 69 -0.34 -10.63 -23.69
C LEU B 69 1.16 -10.32 -23.82
N ALA B 70 1.47 -9.10 -24.22
CA ALA B 70 2.86 -8.66 -24.35
C ALA B 70 3.57 -8.71 -23.01
N ARG B 71 2.88 -8.29 -21.95
CA ARG B 71 3.39 -8.40 -20.59
C ARG B 71 3.72 -9.83 -20.19
N LEU B 72 2.80 -10.74 -20.47
CA LEU B 72 3.00 -12.16 -20.23
C LEU B 72 4.22 -12.70 -21.04
N VAL B 73 4.27 -12.38 -22.32
CA VAL B 73 5.38 -12.76 -23.22
C VAL B 73 6.73 -12.25 -22.71
N LEU B 74 6.81 -10.94 -22.47
CA LEU B 74 8.06 -10.29 -22.01
C LEU B 74 8.45 -10.72 -20.61
N GLY B 75 7.45 -10.90 -19.76
CA GLY B 75 7.65 -11.44 -18.41
C GLY B 75 8.25 -12.83 -18.41
N CYS B 76 7.70 -13.73 -19.20
CA CYS B 76 8.25 -15.09 -19.30
C CYS B 76 9.65 -15.10 -19.90
N ILE B 77 9.87 -14.30 -20.94
CA ILE B 77 11.20 -14.16 -21.54
C ILE B 77 12.21 -13.64 -20.52
N THR B 78 11.80 -12.68 -19.70
CA THR B 78 12.66 -12.11 -18.67
C THR B 78 13.07 -13.13 -17.61
N MET B 79 12.13 -13.96 -17.15
N MET B 79 12.13 -13.95 -17.14
CA MET B 79 12.43 -15.00 -16.17
CA MET B 79 12.44 -15.01 -16.18
C MET B 79 13.43 -16.00 -16.78
C MET B 79 13.43 -16.00 -16.78
N ALA B 80 13.19 -16.39 -18.02
CA ALA B 80 14.10 -17.30 -18.75
C ALA B 80 15.49 -16.71 -18.93
N TYR B 81 15.54 -15.42 -19.25
CA TYR B 81 16.81 -14.73 -19.48
C TYR B 81 17.62 -14.60 -18.19
N VAL B 82 16.95 -14.17 -17.13
CA VAL B 82 17.59 -14.00 -15.82
C VAL B 82 18.03 -15.37 -15.29
N TRP B 83 17.13 -16.33 -15.26
CA TRP B 83 17.44 -17.63 -14.63
C TRP B 83 18.17 -18.63 -15.51
N GLY B 84 18.07 -18.47 -16.83
CA GLY B 84 18.72 -19.40 -17.77
C GLY B 84 18.15 -20.81 -17.65
N LYS B 85 19.04 -21.80 -17.52
CA LYS B 85 18.64 -23.21 -17.30
C LYS B 85 18.26 -23.51 -15.82
N GLY B 86 18.36 -22.52 -14.93
CA GLY B 86 18.00 -22.71 -13.53
C GLY B 86 18.96 -23.58 -12.76
N HIS B 87 20.26 -23.42 -13.03
CA HIS B 87 21.34 -24.13 -12.32
C HIS B 87 22.25 -23.17 -11.54
N GLY B 88 21.89 -21.89 -11.47
CA GLY B 88 22.73 -20.86 -10.82
C GLY B 88 23.50 -19.94 -11.77
N ASP B 89 23.53 -20.25 -13.07
CA ASP B 89 24.08 -19.33 -14.07
C ASP B 89 23.00 -18.26 -14.29
N VAL B 90 23.32 -17.03 -13.90
CA VAL B 90 22.34 -15.95 -13.71
C VAL B 90 22.76 -14.68 -14.46
N ARG B 91 21.79 -13.94 -14.99
CA ARG B 91 22.04 -12.63 -15.62
C ARG B 91 21.47 -11.51 -14.76
N LYS B 92 22.33 -10.56 -14.38
CA LYS B 92 21.95 -9.40 -13.56
C LYS B 92 21.56 -8.17 -14.40
N VAL B 93 21.80 -8.21 -15.71
CA VAL B 93 21.45 -7.12 -16.63
C VAL B 93 20.47 -7.64 -17.68
N LEU B 94 19.28 -7.06 -17.73
CA LEU B 94 18.30 -7.35 -18.78
C LEU B 94 18.60 -6.40 -19.94
N PRO B 95 18.95 -6.94 -21.14
CA PRO B 95 19.32 -6.11 -22.30
C PRO B 95 18.26 -5.05 -22.61
N ARG B 96 18.72 -3.86 -23.00
CA ARG B 96 17.82 -2.72 -23.25
C ARG B 96 16.73 -2.97 -24.30
N ASN B 97 17.04 -3.77 -25.33
N ASN B 97 17.08 -3.78 -25.33
CA ASN B 97 16.08 -4.03 -26.41
CA ASN B 97 16.15 -4.15 -26.41
C ASN B 97 14.83 -4.80 -25.95
C ASN B 97 14.84 -4.74 -25.91
N ILE B 98 14.94 -5.53 -24.83
CA ILE B 98 13.76 -6.08 -24.14
C ILE B 98 13.37 -5.26 -22.89
N ALA B 99 14.35 -4.77 -22.13
CA ALA B 99 14.08 -4.05 -20.88
C ALA B 99 13.27 -2.76 -21.10
N VAL B 100 13.64 -1.98 -22.10
CA VAL B 100 12.92 -0.73 -22.39
C VAL B 100 11.41 -0.95 -22.67
N PRO B 101 11.06 -1.72 -23.73
CA PRO B 101 9.63 -1.96 -24.00
C PRO B 101 8.86 -2.60 -22.84
N TYR B 102 9.50 -3.52 -22.14
CA TYR B 102 8.90 -4.18 -20.98
C TYR B 102 8.61 -3.19 -19.87
N CYS B 103 9.58 -2.33 -19.56
CA CYS B 103 9.37 -1.31 -18.54
C CYS B 103 8.35 -0.25 -18.97
N GLN B 104 8.42 0.16 -20.25
CA GLN B 104 7.44 1.08 -20.84
C GLN B 104 6.02 0.52 -20.75
N LEU B 105 5.87 -0.73 -21.16
CA LEU B 105 4.59 -1.42 -21.09
C LEU B 105 4.10 -1.59 -19.64
N SER B 106 5.02 -1.99 -18.77
CA SER B 106 4.71 -2.14 -17.33
C SER B 106 4.23 -0.80 -16.72
N LYS B 107 4.90 0.29 -17.09
CA LYS B 107 4.47 1.64 -16.65
C LYS B 107 3.05 1.97 -17.13
N LYS B 108 2.76 1.68 -18.40
CA LYS B 108 1.44 1.91 -18.98
C LYS B 108 0.31 1.19 -18.22
N LEU B 109 0.57 -0.06 -17.82
CA LEU B 109 -0.39 -0.89 -17.08
C LEU B 109 -0.25 -0.79 -15.55
N GLU B 110 0.67 0.05 -15.07
CA GLU B 110 0.92 0.29 -13.65
C GLU B 110 1.26 -0.99 -12.88
N LEU B 111 2.12 -1.82 -13.48
CA LEU B 111 2.58 -3.04 -12.84
C LEU B 111 4.10 -3.02 -12.80
N PRO B 112 4.72 -3.69 -11.79
CA PRO B 112 6.18 -3.79 -11.77
C PRO B 112 6.70 -4.61 -12.96
N PRO B 113 7.90 -4.29 -13.49
CA PRO B 113 8.44 -5.05 -14.61
C PRO B 113 8.99 -6.42 -14.20
N ILE B 114 8.07 -7.29 -13.78
CA ILE B 114 8.39 -8.68 -13.44
C ILE B 114 7.12 -9.49 -13.65
N LEU B 115 7.27 -10.79 -13.89
CA LEU B 115 6.12 -11.66 -14.09
C LEU B 115 5.32 -11.69 -12.80
N VAL B 116 4.04 -11.33 -12.89
CA VAL B 116 3.13 -11.33 -11.75
C VAL B 116 2.01 -12.37 -11.95
N TYR B 117 1.31 -12.67 -10.87
CA TYR B 117 0.13 -13.56 -10.86
C TYR B 117 -0.88 -13.20 -11.95
N ALA B 118 -1.13 -11.91 -12.11
CA ALA B 118 -2.02 -11.41 -13.15
C ALA B 118 -1.58 -11.74 -14.57
N ASP B 119 -0.26 -11.91 -14.79
CA ASP B 119 0.26 -12.34 -16.09
C ASP B 119 0.11 -13.85 -16.24
N CYS B 120 0.81 -14.58 -15.37
CA CYS B 120 1.02 -16.01 -15.57
C CYS B 120 -0.15 -16.90 -15.14
N VAL B 121 -1.12 -16.35 -14.39
CA VAL B 121 -2.37 -17.06 -14.08
C VAL B 121 -3.53 -16.41 -14.83
N LEU B 122 -3.79 -15.17 -14.50
CA LEU B 122 -5.03 -14.52 -14.93
C LEU B 122 -5.11 -14.26 -16.43
N ALA B 123 -3.96 -14.11 -17.11
CA ALA B 123 -3.90 -13.81 -18.55
C ALA B 123 -3.29 -14.94 -19.43
N ASN B 124 -2.85 -16.03 -18.78
CA ASN B 124 -2.07 -17.10 -19.41
C ASN B 124 -2.95 -18.33 -19.69
N TRP B 125 -4.05 -18.12 -20.39
CA TRP B 125 -4.99 -19.21 -20.58
C TRP B 125 -5.86 -19.05 -21.81
N LYS B 126 -6.46 -20.17 -22.20
CA LYS B 126 -7.44 -20.25 -23.26
C LYS B 126 -8.37 -21.43 -23.04
N LYS B 127 -9.56 -21.35 -23.62
CA LYS B 127 -10.44 -22.50 -23.78
C LYS B 127 -10.06 -23.22 -25.06
N LYS B 128 -10.11 -24.55 -25.03
CA LYS B 128 -9.92 -25.34 -26.25
C LYS B 128 -11.18 -25.25 -27.09
N ASP B 129 -12.31 -25.60 -26.47
CA ASP B 129 -13.63 -25.48 -27.09
C ASP B 129 -14.38 -24.32 -26.42
N PRO B 130 -14.60 -23.20 -27.15
CA PRO B 130 -15.46 -22.09 -26.67
C PRO B 130 -16.87 -22.48 -26.20
N ASN B 131 -17.44 -23.54 -26.77
CA ASN B 131 -18.78 -24.03 -26.38
C ASN B 131 -18.83 -24.90 -25.12
N LYS B 132 -17.67 -25.25 -24.55
CA LYS B 132 -17.60 -26.06 -23.32
C LYS B 132 -17.16 -25.19 -22.12
N PRO B 133 -17.53 -25.61 -20.88
CA PRO B 133 -17.19 -24.82 -19.70
C PRO B 133 -15.69 -24.71 -19.39
N LEU B 134 -15.39 -23.90 -18.38
CA LEU B 134 -14.04 -23.70 -17.88
C LEU B 134 -13.67 -24.83 -16.93
N THR B 135 -13.20 -25.92 -17.51
CA THR B 135 -12.62 -27.07 -16.79
C THR B 135 -11.21 -27.30 -17.28
N TYR B 136 -10.41 -27.98 -16.47
CA TYR B 136 -9.00 -28.27 -16.80
C TYR B 136 -8.82 -28.88 -18.21
N GLU B 137 -9.69 -29.83 -18.54
CA GLU B 137 -9.58 -30.64 -19.76
C GLU B 137 -9.97 -29.85 -21.01
N ASN B 138 -10.73 -28.77 -20.82
CA ASN B 138 -11.09 -27.86 -21.90
C ASN B 138 -10.26 -26.57 -21.87
N MET B 139 -9.11 -26.59 -21.19
CA MET B 139 -8.27 -25.41 -21.08
C MET B 139 -6.80 -25.73 -21.36
N ASP B 140 -6.04 -24.70 -21.74
N ASP B 140 -6.06 -24.70 -21.78
CA ASP B 140 -4.58 -24.81 -21.79
CA ASP B 140 -4.60 -24.74 -21.92
C ASP B 140 -3.94 -23.48 -21.42
C ASP B 140 -3.98 -23.49 -21.31
N VAL B 141 -2.68 -23.54 -21.00
CA VAL B 141 -1.87 -22.33 -20.78
C VAL B 141 -1.29 -21.88 -22.11
N LEU B 142 -0.93 -20.60 -22.18
CA LEU B 142 -0.29 -20.05 -23.37
C LEU B 142 1.23 -20.27 -23.37
N PHE B 143 1.87 -20.16 -22.19
CA PHE B 143 3.34 -20.27 -22.09
C PHE B 143 3.81 -21.09 -20.88
N SER B 144 4.86 -21.86 -21.13
CA SER B 144 5.56 -22.64 -20.13
C SER B 144 7.03 -22.26 -20.23
N PHE B 145 7.84 -22.73 -19.27
CA PHE B 145 9.28 -22.43 -19.23
C PHE B 145 10.11 -23.57 -19.78
N ARG B 146 9.90 -24.75 -19.22
CA ARG B 146 10.61 -25.98 -19.60
C ARG B 146 9.60 -27.08 -19.81
N ASP B 147 9.98 -28.09 -20.58
CA ASP B 147 9.10 -29.25 -20.74
C ASP B 147 9.15 -30.09 -19.47
N GLY B 148 7.99 -30.57 -19.04
CA GLY B 148 7.85 -31.25 -17.75
C GLY B 148 7.91 -30.36 -16.51
N ASP B 149 7.82 -29.04 -16.67
CA ASP B 149 7.78 -28.11 -15.50
C ASP B 149 6.41 -28.03 -14.80
N CYS B 150 5.40 -28.72 -15.35
CA CYS B 150 4.03 -28.73 -14.82
C CYS B 150 3.41 -27.33 -14.68
N SER B 151 3.76 -26.44 -15.61
CA SER B 151 3.25 -25.07 -15.55
C SER B 151 1.76 -25.04 -15.93
N LYS B 152 1.32 -25.93 -16.82
CA LYS B 152 -0.11 -26.04 -17.12
C LYS B 152 -0.90 -26.41 -15.86
N GLY B 153 -0.51 -27.51 -15.22
CA GLY B 153 -1.08 -27.93 -13.94
C GLY B 153 -1.09 -26.83 -12.89
N PHE B 154 0.05 -26.18 -12.67
CA PHE B 154 0.15 -25.17 -11.63
C PHE B 154 -0.66 -23.91 -11.96
N PHE B 155 -0.44 -23.35 -13.15
CA PHE B 155 -1.13 -22.12 -13.53
C PHE B 155 -2.64 -22.33 -13.70
N LEU B 156 -3.05 -23.44 -14.29
CA LEU B 156 -4.50 -23.66 -14.52
C LEU B 156 -5.25 -24.05 -13.27
N VAL B 157 -4.67 -24.88 -12.42
CA VAL B 157 -5.33 -25.17 -11.14
C VAL B 157 -5.46 -23.88 -10.34
N SER B 158 -4.41 -23.06 -10.31
CA SER B 158 -4.44 -21.74 -9.65
C SER B 158 -5.59 -20.90 -10.21
N LEU B 159 -5.70 -20.89 -11.54
CA LEU B 159 -6.77 -20.15 -12.20
C LEU B 159 -8.18 -20.72 -11.87
N LEU B 160 -8.32 -22.04 -11.89
CA LEU B 160 -9.61 -22.66 -11.54
C LEU B 160 -10.03 -22.34 -10.09
N VAL B 161 -9.07 -22.36 -9.17
CA VAL B 161 -9.33 -21.98 -7.76
C VAL B 161 -9.74 -20.51 -7.69
N GLU B 162 -9.00 -19.66 -8.39
CA GLU B 162 -9.32 -18.24 -8.53
C GLU B 162 -10.77 -18.02 -8.99
N ILE B 163 -11.16 -18.73 -10.05
CA ILE B 163 -12.49 -18.60 -10.65
C ILE B 163 -13.59 -19.15 -9.73
N ALA B 164 -13.33 -20.26 -9.04
CA ALA B 164 -14.31 -20.84 -8.12
C ALA B 164 -14.60 -19.84 -7.00
N ALA B 165 -13.53 -19.32 -6.40
CA ALA B 165 -13.63 -18.30 -5.35
C ALA B 165 -14.29 -17.02 -5.84
N ALA B 166 -14.00 -16.63 -7.08
CA ALA B 166 -14.50 -15.39 -7.67
C ALA B 166 -15.99 -15.35 -7.98
N SER B 167 -16.63 -16.53 -8.02
CA SER B 167 -18.09 -16.61 -8.12
C SER B 167 -18.82 -15.87 -6.98
N ALA B 168 -18.19 -15.79 -5.81
CA ALA B 168 -18.71 -15.04 -4.67
C ALA B 168 -18.58 -13.51 -4.77
N ILE B 169 -17.68 -13.02 -5.65
CA ILE B 169 -17.40 -11.57 -5.77
C ILE B 169 -18.64 -10.77 -6.12
N LYS B 170 -19.47 -11.30 -7.02
CA LYS B 170 -20.71 -10.64 -7.41
C LYS B 170 -21.72 -10.47 -6.27
N VAL B 171 -21.55 -11.20 -5.18
CA VAL B 171 -22.42 -11.13 -4.01
C VAL B 171 -22.04 -9.93 -3.13
N ILE B 172 -20.83 -9.40 -3.29
CA ILE B 172 -20.33 -8.34 -2.41
C ILE B 172 -21.22 -7.09 -2.34
N PRO B 173 -21.71 -6.58 -3.49
CA PRO B 173 -22.64 -5.44 -3.46
C PRO B 173 -23.97 -5.75 -2.78
N THR B 174 -24.44 -7.00 -2.86
CA THR B 174 -25.57 -7.46 -2.08
C THR B 174 -25.28 -7.37 -0.58
N VAL B 175 -24.08 -7.76 -0.17
CA VAL B 175 -23.69 -7.71 1.24
C VAL B 175 -23.82 -6.28 1.78
N PHE B 176 -23.19 -5.32 1.10
CA PHE B 176 -23.22 -3.92 1.55
C PHE B 176 -24.58 -3.25 1.41
N LYS B 177 -25.31 -3.56 0.35
CA LYS B 177 -26.68 -3.09 0.18
C LYS B 177 -27.59 -3.66 1.27
N ALA B 178 -27.43 -4.96 1.57
CA ALA B 178 -28.17 -5.62 2.64
C ALA B 178 -27.90 -4.97 3.99
N MET B 179 -26.63 -4.70 4.27
CA MET B 179 -26.24 -3.99 5.50
C MET B 179 -26.82 -2.59 5.59
N GLN B 180 -26.55 -1.77 4.57
CA GLN B 180 -27.03 -0.38 4.53
C GLN B 180 -28.56 -0.30 4.68
N MET B 181 -29.27 -1.20 4.00
CA MET B 181 -30.73 -1.29 4.07
C MET B 181 -31.27 -2.11 5.25
N GLN B 182 -30.40 -2.65 6.10
CA GLN B 182 -30.80 -3.54 7.21
C GLN B 182 -31.70 -4.66 6.69
N GLU B 183 -31.16 -5.48 5.80
CA GLU B 183 -31.84 -6.63 5.23
C GLU B 183 -31.15 -7.90 5.71
N ARG B 184 -31.58 -8.37 6.89
CA ARG B 184 -30.95 -9.49 7.58
C ARG B 184 -30.98 -10.79 6.77
N ASP B 185 -32.15 -11.13 6.23
CA ASP B 185 -32.32 -12.38 5.47
C ASP B 185 -31.49 -12.36 4.18
N THR B 186 -31.49 -11.22 3.50
CA THR B 186 -30.64 -11.03 2.31
C THR B 186 -29.15 -11.16 2.64
N LEU B 187 -28.70 -10.47 3.69
CA LEU B 187 -27.30 -10.56 4.14
C LEU B 187 -26.89 -12.00 4.49
N LEU B 188 -27.76 -12.67 5.25
CA LEU B 188 -27.56 -14.08 5.61
C LEU B 188 -27.37 -14.94 4.37
N LYS B 189 -28.29 -14.80 3.41
CA LYS B 189 -28.22 -15.55 2.14
C LYS B 189 -26.92 -15.26 1.37
N ALA B 190 -26.52 -14.00 1.35
CA ALA B 190 -25.28 -13.55 0.70
C ALA B 190 -24.05 -14.19 1.33
N LEU B 191 -23.97 -14.16 2.65
CA LEU B 191 -22.83 -14.75 3.37
C LEU B 191 -22.78 -16.25 3.19
N LEU B 192 -23.94 -16.92 3.19
CA LEU B 192 -23.95 -18.35 2.89
C LEU B 192 -23.46 -18.69 1.47
N GLU B 193 -23.73 -17.82 0.50
CA GLU B 193 -23.28 -18.03 -0.88
C GLU B 193 -21.78 -17.87 -0.98
N ILE B 194 -21.25 -16.85 -0.31
CA ILE B 194 -19.80 -16.63 -0.23
C ILE B 194 -19.11 -17.86 0.34
N ALA B 195 -19.63 -18.36 1.46
CA ALA B 195 -19.09 -19.57 2.10
C ALA B 195 -19.09 -20.77 1.15
N SER B 196 -20.22 -20.97 0.47
CA SER B 196 -20.35 -22.04 -0.53
C SER B 196 -19.27 -21.99 -1.61
N CYS B 197 -19.04 -20.80 -2.16
CA CYS B 197 -18.02 -20.59 -3.21
C CYS B 197 -16.60 -20.82 -2.72
N LEU B 198 -16.28 -20.30 -1.54
CA LEU B 198 -14.95 -20.52 -0.94
C LEU B 198 -14.71 -21.98 -0.59
N GLU B 199 -15.77 -22.68 -0.18
CA GLU B 199 -15.72 -24.13 0.01
C GLU B 199 -15.52 -24.87 -1.32
N LYS B 200 -16.18 -24.40 -2.38
CA LYS B 200 -15.98 -24.97 -3.72
C LYS B 200 -14.54 -24.77 -4.21
N ALA B 201 -13.99 -23.58 -4.00
CA ALA B 201 -12.58 -23.27 -4.31
C ALA B 201 -11.60 -24.28 -3.72
N LEU B 202 -11.85 -24.72 -2.49
CA LEU B 202 -11.00 -25.71 -1.82
C LEU B 202 -11.08 -27.07 -2.53
N GLN B 203 -12.29 -27.51 -2.87
CA GLN B 203 -12.46 -28.75 -3.61
C GLN B 203 -11.71 -28.74 -4.95
N VAL B 204 -11.80 -27.61 -5.65
CA VAL B 204 -11.06 -27.38 -6.91
C VAL B 204 -9.53 -27.47 -6.69
N PHE B 205 -9.05 -26.90 -5.58
CA PHE B 205 -7.64 -26.95 -5.19
C PHE B 205 -7.13 -28.41 -5.12
N HIS B 206 -7.98 -29.35 -4.69
CA HIS B 206 -7.62 -30.79 -4.63
C HIS B 206 -7.04 -31.34 -5.94
N GLN B 207 -7.45 -30.77 -7.08
CA GLN B 207 -6.89 -31.13 -8.40
C GLN B 207 -5.39 -30.93 -8.56
N ILE B 208 -4.75 -30.11 -7.70
CA ILE B 208 -3.30 -29.83 -7.83
C ILE B 208 -2.46 -31.13 -7.85
N HIS B 209 -2.88 -32.10 -7.05
CA HIS B 209 -2.20 -33.38 -6.93
C HIS B 209 -2.19 -34.19 -8.24
N ASP B 210 -3.20 -33.98 -9.07
CA ASP B 210 -3.36 -34.72 -10.33
C ASP B 210 -2.53 -34.14 -11.47
N HIS B 211 -2.15 -32.87 -11.38
CA HIS B 211 -1.50 -32.18 -12.51
C HIS B 211 -0.12 -31.57 -12.24
N VAL B 212 0.34 -31.62 -10.98
CA VAL B 212 1.66 -31.11 -10.61
C VAL B 212 2.41 -32.19 -9.83
N ASN B 213 3.65 -32.45 -10.26
CA ASN B 213 4.56 -33.40 -9.59
C ASN B 213 5.50 -32.57 -8.69
N PRO B 214 5.67 -32.96 -7.40
CA PRO B 214 6.52 -32.19 -6.47
C PRO B 214 7.94 -31.89 -6.95
N LYS B 215 8.65 -32.90 -7.45
CA LYS B 215 10.01 -32.73 -7.94
C LYS B 215 10.12 -31.71 -9.08
N ALA B 216 9.28 -31.86 -10.11
CA ALA B 216 9.24 -30.90 -11.24
C ALA B 216 8.92 -29.50 -10.78
N PHE B 217 7.95 -29.38 -9.87
CA PHE B 217 7.58 -28.10 -9.35
C PHE B 217 8.74 -27.41 -8.63
N PHE B 218 9.32 -28.12 -7.66
CA PHE B 218 10.40 -27.60 -6.82
C PHE B 218 11.67 -27.32 -7.60
N SER B 219 12.12 -28.31 -8.37
CA SER B 219 13.40 -28.22 -9.07
C SER B 219 13.38 -27.37 -10.35
N VAL B 220 12.21 -27.13 -10.94
CA VAL B 220 12.13 -26.42 -12.23
C VAL B 220 11.27 -25.17 -12.14
N LEU B 221 9.97 -25.33 -11.91
CA LEU B 221 9.05 -24.19 -11.98
C LEU B 221 9.28 -23.13 -10.90
N ARG B 222 9.54 -23.57 -9.68
CA ARG B 222 9.89 -22.68 -8.57
C ARG B 222 10.97 -21.64 -8.95
N ILE B 223 12.00 -22.10 -9.66
CA ILE B 223 13.09 -21.25 -10.13
C ILE B 223 12.56 -20.10 -11.00
N TYR B 224 11.82 -20.46 -12.05
CA TYR B 224 11.34 -19.45 -13.02
C TYR B 224 10.32 -18.47 -12.45
N LEU B 225 9.59 -18.88 -11.43
CA LEU B 225 8.68 -17.98 -10.70
C LEU B 225 9.34 -17.04 -9.68
N SER B 226 10.60 -17.30 -9.31
N SER B 226 10.61 -17.30 -9.34
CA SER B 226 11.25 -16.50 -8.26
CA SER B 226 11.32 -16.51 -8.33
C SER B 226 11.71 -15.14 -8.80
C SER B 226 11.66 -15.11 -8.84
N GLY B 227 11.73 -14.15 -7.93
CA GLY B 227 12.04 -12.77 -8.27
C GLY B 227 13.40 -12.31 -7.78
N TRP B 228 13.54 -10.99 -7.67
CA TRP B 228 14.77 -10.37 -7.22
C TRP B 228 14.48 -9.23 -6.22
N LYS B 229 13.78 -9.59 -5.15
CA LYS B 229 13.63 -8.74 -3.96
C LYS B 229 13.93 -9.60 -2.74
N GLY B 230 15.05 -9.29 -2.06
CA GLY B 230 15.56 -10.14 -0.98
C GLY B 230 16.14 -11.48 -1.45
N ASN B 231 16.59 -11.54 -2.70
CA ASN B 231 17.16 -12.76 -3.29
C ASN B 231 18.68 -12.63 -3.35
N PRO B 232 19.44 -13.47 -2.60
CA PRO B 232 20.91 -13.44 -2.63
C PRO B 232 21.57 -13.58 -4.02
N GLN B 233 20.92 -14.31 -4.92
CA GLN B 233 21.38 -14.47 -6.32
C GLN B 233 21.46 -13.14 -7.08
N LEU B 234 20.49 -12.26 -6.81
CA LEU B 234 20.51 -10.88 -7.31
C LEU B 234 20.31 -9.93 -6.14
N SER B 235 21.32 -9.83 -5.28
CA SER B 235 21.26 -9.06 -4.01
C SER B 235 20.74 -7.63 -4.15
N ASP B 236 21.17 -6.95 -5.20
CA ASP B 236 20.77 -5.55 -5.45
C ASP B 236 19.65 -5.40 -6.48
N GLY B 237 19.04 -6.51 -6.90
CA GLY B 237 17.99 -6.49 -7.91
C GLY B 237 18.52 -6.64 -9.32
N LEU B 238 17.68 -6.29 -10.29
CA LEU B 238 17.98 -6.44 -11.73
C LEU B 238 18.19 -5.09 -12.37
N VAL B 239 19.24 -4.99 -13.19
CA VAL B 239 19.45 -3.81 -14.03
C VAL B 239 18.55 -3.96 -15.26
N TYR B 240 17.59 -3.05 -15.40
CA TYR B 240 16.76 -2.92 -16.59
C TYR B 240 17.43 -1.91 -17.49
N GLU B 241 18.33 -2.42 -18.35
CA GLU B 241 19.25 -1.60 -19.13
C GLU B 241 18.49 -0.62 -20.03
N GLY B 242 18.92 0.64 -20.04
CA GLY B 242 18.27 1.68 -20.82
C GLY B 242 17.02 2.31 -20.22
N PHE B 243 16.51 1.78 -19.12
CA PHE B 243 15.33 2.33 -18.47
C PHE B 243 15.71 2.96 -17.13
N TRP B 244 16.37 2.20 -16.25
CA TRP B 244 17.00 2.72 -15.03
C TRP B 244 18.49 2.36 -14.99
N GLU B 245 19.30 3.26 -14.43
CA GLU B 245 20.75 3.06 -14.31
C GLU B 245 21.15 2.06 -13.23
N ASP B 246 20.44 2.07 -12.10
CA ASP B 246 20.75 1.19 -10.97
C ASP B 246 19.83 -0.01 -10.93
N PRO B 247 20.29 -1.11 -10.31
CA PRO B 247 19.43 -2.29 -10.27
C PRO B 247 18.22 -2.07 -9.36
N LYS B 248 17.08 -2.64 -9.76
CA LYS B 248 15.82 -2.46 -9.05
C LYS B 248 15.34 -3.83 -8.58
N GLU B 249 14.88 -3.88 -7.34
CA GLU B 249 14.36 -5.11 -6.72
C GLU B 249 12.87 -5.19 -6.91
N PHE B 250 12.38 -6.31 -7.43
CA PHE B 250 10.94 -6.58 -7.55
C PHE B 250 10.66 -8.00 -7.10
N ALA B 251 9.54 -8.20 -6.41
CA ALA B 251 9.19 -9.51 -5.87
C ALA B 251 8.69 -10.44 -6.96
N GLY B 252 9.00 -11.72 -6.80
CA GLY B 252 8.50 -12.76 -7.67
C GLY B 252 7.03 -13.01 -7.39
N GLY B 253 6.40 -13.82 -8.23
CA GLY B 253 4.98 -14.09 -8.15
C GLY B 253 4.55 -14.67 -6.80
N SER B 254 3.34 -14.31 -6.39
CA SER B 254 2.73 -14.81 -5.15
C SER B 254 1.25 -14.77 -5.37
N ALA B 255 0.52 -15.78 -4.86
CA ALA B 255 -0.94 -15.68 -4.84
C ALA B 255 -1.42 -14.72 -3.72
N GLY B 256 -0.52 -14.16 -2.93
CA GLY B 256 -0.79 -12.90 -2.23
C GLY B 256 -1.14 -11.76 -3.17
N GLN B 257 -0.74 -11.90 -4.44
CA GLN B 257 -1.13 -10.97 -5.50
C GLN B 257 -2.53 -11.27 -6.05
N SER B 258 -3.17 -12.36 -5.62
CA SER B 258 -4.54 -12.65 -6.02
C SER B 258 -5.46 -11.69 -5.31
N SER B 259 -6.30 -11.02 -6.08
CA SER B 259 -7.26 -10.09 -5.52
C SER B 259 -8.46 -10.76 -4.81
N VAL B 260 -8.81 -12.01 -5.15
N VAL B 260 -8.78 -12.02 -5.12
CA VAL B 260 -9.99 -12.69 -4.55
CA VAL B 260 -9.99 -12.65 -4.58
C VAL B 260 -9.83 -12.93 -3.06
C VAL B 260 -9.85 -12.97 -3.07
N PHE B 261 -8.71 -13.52 -2.68
CA PHE B 261 -8.47 -13.85 -1.26
C PHE B 261 -8.22 -12.61 -0.40
N GLN B 262 -7.49 -11.65 -0.96
CA GLN B 262 -7.37 -10.36 -0.34
C GLN B 262 -8.72 -9.66 -0.16
N CYS B 263 -9.60 -9.73 -1.16
N CYS B 263 -9.59 -9.73 -1.15
CA CYS B 263 -10.91 -9.06 -1.06
CA CYS B 263 -10.92 -9.09 -1.09
C CYS B 263 -11.83 -9.68 -0.02
C CYS B 263 -11.81 -9.69 0.00
N PHE B 264 -11.83 -11.01 0.11
CA PHE B 264 -12.63 -11.67 1.16
C PHE B 264 -12.06 -11.47 2.56
N ASP B 265 -10.74 -11.37 2.68
CA ASP B 265 -10.14 -10.93 3.95
C ASP B 265 -10.63 -9.54 4.32
N VAL B 266 -10.61 -8.62 3.36
CA VAL B 266 -11.12 -7.26 3.58
C VAL B 266 -12.61 -7.29 3.93
N LEU B 267 -13.41 -7.96 3.11
CA LEU B 267 -14.87 -8.03 3.31
C LEU B 267 -15.22 -8.54 4.71
N LEU B 268 -14.55 -9.59 5.16
CA LEU B 268 -14.84 -10.21 6.46
C LEU B 268 -14.10 -9.52 7.63
N GLY B 269 -13.40 -8.42 7.38
CA GLY B 269 -12.73 -7.66 8.44
C GLY B 269 -11.58 -8.39 9.09
N ILE B 270 -10.94 -9.29 8.34
CA ILE B 270 -9.80 -10.06 8.84
C ILE B 270 -8.58 -9.15 9.08
N GLN B 271 -8.44 -8.09 8.26
CA GLN B 271 -7.42 -7.05 8.44
C GLN B 271 -6.02 -7.64 8.38
N GLN B 272 -5.71 -8.25 7.24
CA GLN B 272 -4.41 -8.89 7.02
C GLN B 272 -3.27 -7.88 6.90
N THR B 273 -3.58 -6.64 6.53
CA THR B 273 -2.58 -5.59 6.29
C THR B 273 -2.47 -4.61 7.45
N ALA B 274 -3.10 -4.92 8.58
CA ALA B 274 -3.05 -4.07 9.78
C ALA B 274 -1.83 -4.40 10.65
N GLY B 275 -1.52 -3.48 11.57
CA GLY B 275 -0.48 -3.69 12.59
C GLY B 275 0.95 -3.58 12.10
N GLY B 276 1.89 -3.88 13.00
CA GLY B 276 3.32 -3.68 12.76
C GLY B 276 4.13 -4.94 12.52
N GLY B 277 3.57 -5.88 11.74
CA GLY B 277 4.23 -7.15 11.41
C GLY B 277 4.59 -7.31 9.94
N HIS B 278 5.45 -8.28 9.65
CA HIS B 278 5.98 -8.48 8.29
C HIS B 278 4.97 -9.08 7.31
N ALA B 279 4.10 -9.98 7.77
CA ALA B 279 3.09 -10.57 6.88
C ALA B 279 2.16 -9.51 6.30
N ALA B 280 1.72 -8.59 7.16
CA ALA B 280 0.91 -7.43 6.76
C ALA B 280 1.59 -6.56 5.70
N GLN B 281 2.86 -6.29 5.92
CA GLN B 281 3.63 -5.48 5.00
C GLN B 281 3.72 -6.17 3.65
N PHE B 282 4.00 -7.47 3.69
CA PHE B 282 4.13 -8.26 2.48
C PHE B 282 2.84 -8.32 1.68
N LEU B 283 1.74 -8.63 2.36
CA LEU B 283 0.45 -8.68 1.66
C LEU B 283 0.04 -7.30 1.15
N GLN B 284 0.34 -6.25 1.92
CA GLN B 284 0.17 -4.87 1.44
C GLN B 284 0.98 -4.59 0.17
N ASP B 285 2.26 -4.97 0.16
N ASP B 285 2.25 -4.97 0.17
CA ASP B 285 3.14 -4.78 -1.02
CA ASP B 285 3.13 -4.79 -1.01
C ASP B 285 2.61 -5.49 -2.27
C ASP B 285 2.58 -5.49 -2.26
N MET B 286 2.06 -6.70 -2.09
CA MET B 286 1.55 -7.50 -3.23
C MET B 286 0.34 -6.89 -3.95
N ARG B 287 -0.39 -6.01 -3.27
CA ARG B 287 -1.44 -5.21 -3.90
C ARG B 287 -0.93 -4.33 -5.05
N ARG B 288 0.31 -3.86 -4.91
N ARG B 288 0.30 -3.84 -4.93
CA ARG B 288 1.02 -3.11 -5.96
CA ARG B 288 0.93 -3.08 -5.99
C ARG B 288 1.28 -3.94 -7.21
C ARG B 288 1.40 -3.94 -7.18
N TYR B 289 1.26 -5.26 -7.06
CA TYR B 289 1.50 -6.20 -8.17
C TYR B 289 0.19 -6.68 -8.78
N MET B 290 -0.95 -6.14 -8.33
CA MET B 290 -2.26 -6.41 -8.92
C MET B 290 -2.56 -5.35 -9.95
N PRO B 291 -3.38 -5.68 -10.96
CA PRO B 291 -3.82 -4.62 -11.88
C PRO B 291 -4.51 -3.46 -11.12
N PRO B 292 -4.31 -2.21 -11.57
CA PRO B 292 -4.75 -1.02 -10.83
C PRO B 292 -6.23 -0.96 -10.45
N ALA B 293 -7.10 -1.38 -11.38
CA ALA B 293 -8.54 -1.46 -11.10
C ALA B 293 -8.85 -2.46 -9.99
N HIS B 294 -8.05 -3.50 -9.87
CA HIS B 294 -8.23 -4.51 -8.83
C HIS B 294 -7.72 -4.03 -7.47
N ARG B 295 -6.58 -3.32 -7.48
CA ARG B 295 -6.12 -2.54 -6.30
C ARG B 295 -7.22 -1.61 -5.81
N ASN B 296 -7.78 -0.82 -6.73
CA ASN B 296 -8.84 0.16 -6.44
C ASN B 296 -10.05 -0.49 -5.77
N PHE B 297 -10.43 -1.66 -6.29
CA PHE B 297 -11.57 -2.41 -5.78
C PHE B 297 -11.34 -2.82 -4.33
N LEU B 298 -10.15 -3.35 -4.03
CA LEU B 298 -9.76 -3.69 -2.65
C LEU B 298 -9.90 -2.53 -1.67
N CYS B 299 -9.35 -1.37 -2.04
CA CYS B 299 -9.41 -0.21 -1.15
C CYS B 299 -10.84 0.35 -1.03
N SER B 300 -11.64 0.20 -2.09
N SER B 300 -11.64 0.20 -2.09
CA SER B 300 -13.04 0.58 -2.05
CA SER B 300 -13.06 0.56 -2.07
C SER B 300 -13.86 -0.27 -1.07
C SER B 300 -13.84 -0.27 -1.04
N LEU B 301 -13.52 -1.57 -0.95
CA LEU B 301 -14.13 -2.45 0.07
C LEU B 301 -13.77 -2.01 1.49
N GLU B 302 -12.53 -1.56 1.65
CA GLU B 302 -12.04 -1.03 2.93
C GLU B 302 -12.80 0.23 3.36
N SER B 303 -13.30 1.01 2.41
CA SER B 303 -14.05 2.23 2.71
C SER B 303 -15.52 2.03 3.10
N ASN B 304 -16.06 0.84 2.83
CA ASN B 304 -17.44 0.52 3.24
C ASN B 304 -17.48 0.06 4.69
N PRO B 305 -18.67 0.09 5.34
CA PRO B 305 -18.77 -0.39 6.72
C PRO B 305 -18.36 -1.86 6.92
N SER B 306 -17.98 -2.20 8.15
CA SER B 306 -17.48 -3.52 8.47
C SER B 306 -18.63 -4.54 8.57
N VAL B 307 -18.51 -5.65 7.82
CA VAL B 307 -19.44 -6.77 7.91
C VAL B 307 -19.30 -7.46 9.27
N ARG B 308 -18.05 -7.64 9.69
CA ARG B 308 -17.75 -8.22 11.00
C ARG B 308 -18.42 -7.46 12.14
N GLU B 309 -18.23 -6.15 12.19
N GLU B 309 -18.24 -6.13 12.16
CA GLU B 309 -18.82 -5.32 13.25
CA GLU B 309 -18.81 -5.29 13.22
C GLU B 309 -20.35 -5.23 13.16
C GLU B 309 -20.34 -5.27 13.16
N PHE B 310 -20.88 -5.31 11.95
CA PHE B 310 -22.34 -5.44 11.74
C PHE B 310 -22.86 -6.75 12.37
N VAL B 311 -22.21 -7.87 12.07
CA VAL B 311 -22.59 -9.17 12.58
C VAL B 311 -22.37 -9.27 14.11
N LEU B 312 -21.22 -8.79 14.57
CA LEU B 312 -20.93 -8.73 16.03
C LEU B 312 -21.98 -7.95 16.83
N SER B 313 -22.60 -6.95 16.20
CA SER B 313 -23.58 -6.10 16.87
C SER B 313 -25.01 -6.66 17.05
N LYS B 314 -25.38 -7.74 16.34
CA LYS B 314 -26.81 -8.05 16.08
C LYS B 314 -27.52 -9.13 16.93
N GLY B 315 -26.77 -9.86 17.76
CA GLY B 315 -27.33 -10.94 18.62
C GLY B 315 -28.13 -11.97 17.82
N ASP B 316 -27.56 -12.39 16.71
CA ASP B 316 -28.24 -13.18 15.70
C ASP B 316 -27.37 -14.39 15.35
N ALA B 317 -27.72 -15.55 15.91
CA ALA B 317 -26.93 -16.79 15.72
C ALA B 317 -26.81 -17.18 14.25
N GLY B 318 -27.92 -17.12 13.53
CA GLY B 318 -27.95 -17.29 12.08
C GLY B 318 -26.88 -16.51 11.33
N LEU B 319 -26.87 -15.19 11.53
CA LEU B 319 -25.88 -14.31 10.89
C LEU B 319 -24.45 -14.61 11.30
N ARG B 320 -24.25 -14.83 12.61
CA ARG B 320 -22.93 -15.17 13.13
C ARG B 320 -22.38 -16.47 12.52
N GLU B 321 -23.23 -17.49 12.43
CA GLU B 321 -22.84 -18.77 11.82
C GLU B 321 -22.52 -18.63 10.35
N ALA B 322 -23.30 -17.82 9.64
CA ALA B 322 -23.04 -17.56 8.22
C ALA B 322 -21.73 -16.81 8.03
N TYR B 323 -21.50 -15.79 8.87
CA TYR B 323 -20.22 -15.07 8.89
C TYR B 323 -19.05 -16.02 9.15
N ASP B 324 -19.16 -16.84 10.21
CA ASP B 324 -18.07 -17.78 10.57
C ASP B 324 -17.82 -18.86 9.51
N ALA B 325 -18.88 -19.28 8.83
CA ALA B 325 -18.71 -20.24 7.72
C ALA B 325 -17.84 -19.65 6.60
N CYS B 326 -17.95 -18.34 6.34
CA CYS B 326 -17.06 -17.67 5.38
C CYS B 326 -15.62 -17.65 5.88
N VAL B 327 -15.43 -17.24 7.13
CA VAL B 327 -14.09 -17.20 7.74
C VAL B 327 -13.46 -18.60 7.77
N LYS B 328 -14.25 -19.59 8.22
CA LYS B 328 -13.82 -20.98 8.30
C LYS B 328 -13.40 -21.53 6.93
N ALA B 329 -14.13 -21.14 5.88
CA ALA B 329 -13.76 -21.50 4.51
C ALA B 329 -12.36 -20.97 4.13
N LEU B 330 -12.04 -19.74 4.52
CA LEU B 330 -10.67 -19.21 4.33
C LEU B 330 -9.62 -19.92 5.19
N VAL B 331 -9.99 -20.25 6.42
CA VAL B 331 -9.11 -21.05 7.30
C VAL B 331 -8.85 -22.42 6.68
N SER B 332 -9.91 -23.10 6.21
CA SER B 332 -9.76 -24.42 5.59
C SER B 332 -8.85 -24.38 4.35
N LEU B 333 -9.02 -23.35 3.53
CA LEU B 333 -8.15 -23.20 2.33
C LEU B 333 -6.68 -23.06 2.76
N ARG B 334 -6.41 -22.18 3.71
CA ARG B 334 -5.01 -21.91 4.11
C ARG B 334 -4.41 -23.12 4.84
N SER B 335 -5.23 -23.84 5.60
CA SER B 335 -4.77 -25.07 6.29
C SER B 335 -4.41 -26.10 5.21
N TYR B 336 -5.29 -26.30 4.23
CA TYR B 336 -5.00 -27.19 3.10
C TYR B 336 -3.73 -26.75 2.33
N HIS B 337 -3.60 -25.46 2.13
CA HIS B 337 -2.47 -24.85 1.46
C HIS B 337 -1.15 -25.11 2.18
N LEU B 338 -1.16 -25.11 3.53
CA LEU B 338 0.02 -25.53 4.31
C LEU B 338 0.48 -26.95 3.98
N GLN B 339 -0.46 -27.89 3.84
CA GLN B 339 -0.14 -29.26 3.43
C GLN B 339 0.47 -29.27 2.02
N ILE B 340 -0.05 -28.44 1.14
CA ILE B 340 0.46 -28.30 -0.22
C ILE B 340 1.91 -27.81 -0.21
N VAL B 341 2.21 -26.82 0.62
CA VAL B 341 3.59 -26.33 0.77
C VAL B 341 4.49 -27.43 1.31
N THR B 342 3.99 -28.20 2.27
CA THR B 342 4.77 -29.34 2.79
C THR B 342 5.12 -30.34 1.67
N LYS B 343 4.14 -30.68 0.84
CA LYS B 343 4.34 -31.66 -0.24
C LYS B 343 5.20 -31.12 -1.38
N TYR B 344 4.95 -29.87 -1.79
CA TYR B 344 5.56 -29.33 -3.01
C TYR B 344 6.86 -28.53 -2.79
N ILE B 345 7.12 -28.09 -1.55
CA ILE B 345 8.34 -27.35 -1.22
C ILE B 345 9.17 -28.02 -0.13
N LEU B 346 8.60 -28.21 1.05
CA LEU B 346 9.39 -28.69 2.21
C LEU B 346 9.99 -30.08 2.03
N ILE B 347 9.21 -30.99 1.44
CA ILE B 347 9.66 -32.38 1.26
C ILE B 347 10.73 -32.49 0.16
N PRO B 348 10.47 -32.01 -1.07
CA PRO B 348 11.52 -31.92 -2.10
C PRO B 348 12.83 -31.27 -1.62
N ALA B 349 12.71 -30.17 -0.88
CA ALA B 349 13.85 -29.51 -0.26
C ALA B 349 14.65 -30.43 0.66
N SER B 350 13.95 -31.25 1.46
CA SER B 350 14.59 -32.23 2.34
C SER B 350 15.34 -33.34 1.57
N GLN B 351 14.78 -33.71 0.42
CA GLN B 351 15.36 -34.76 -0.45
C GLN B 351 16.53 -34.32 -1.35
N GLN B 352 16.89 -33.04 -1.34
N GLN B 352 16.92 -33.05 -1.27
CA GLN B 352 17.93 -32.52 -2.22
CA GLN B 352 17.95 -32.44 -2.12
C GLN B 352 19.33 -32.81 -1.63
C GLN B 352 19.36 -32.81 -1.59
N PRO B 353 20.32 -33.14 -2.50
CA PRO B 353 21.69 -33.39 -2.03
C PRO B 353 22.44 -32.10 -1.68
N GLY B 371 14.60 -20.41 4.79
CA GLY B 371 13.65 -20.29 3.69
C GLY B 371 12.33 -21.01 3.96
N GLY B 372 12.38 -22.33 4.07
CA GLY B 372 11.19 -23.17 4.29
C GLY B 372 10.45 -22.81 5.56
N THR B 373 11.21 -22.65 6.65
CA THR B 373 10.68 -22.19 7.94
C THR B 373 10.05 -20.80 7.81
N ASP B 374 10.76 -19.87 7.18
CA ASP B 374 10.26 -18.51 6.96
C ASP B 374 8.95 -18.50 6.16
N LEU B 375 8.91 -19.28 5.09
CA LEU B 375 7.71 -19.37 4.24
C LEU B 375 6.51 -19.93 5.02
N MET B 376 6.72 -21.00 5.78
CA MET B 376 5.67 -21.60 6.60
C MET B 376 5.25 -20.70 7.76
N ASN B 377 6.21 -20.02 8.39
CA ASN B 377 5.87 -19.07 9.45
C ASN B 377 4.99 -17.93 8.94
N PHE B 378 5.33 -17.40 7.76
CA PHE B 378 4.50 -16.39 7.09
C PHE B 378 3.08 -16.91 6.85
N LEU B 379 2.97 -18.09 6.25
CA LEU B 379 1.67 -18.67 5.96
C LEU B 379 0.85 -18.96 7.23
N LYS B 380 1.51 -19.44 8.27
CA LYS B 380 0.85 -19.69 9.57
C LYS B 380 0.36 -18.40 10.23
N THR B 381 1.13 -17.32 10.13
CA THR B 381 0.71 -16.02 10.63
C THR B 381 -0.57 -15.57 9.94
N VAL B 382 -0.62 -15.73 8.62
CA VAL B 382 -1.77 -15.31 7.83
C VAL B 382 -2.98 -16.21 8.13
N ARG B 383 -2.74 -17.52 8.24
CA ARG B 383 -3.77 -18.44 8.67
C ARG B 383 -4.31 -18.07 10.06
N SER B 384 -3.39 -17.83 10.99
CA SER B 384 -3.75 -17.45 12.37
C SER B 384 -4.60 -16.19 12.45
N THR B 385 -4.24 -15.18 11.66
CA THR B 385 -5.01 -13.93 11.58
C THR B 385 -6.45 -14.23 11.13
N THR B 386 -6.59 -15.17 10.21
CA THR B 386 -7.90 -15.62 9.73
C THR B 386 -8.67 -16.35 10.82
N GLU B 387 -8.03 -17.34 11.43
CA GLU B 387 -8.63 -18.15 12.50
C GLU B 387 -9.08 -17.29 13.69
N LYS B 388 -8.34 -16.22 13.97
CA LYS B 388 -8.63 -15.34 15.10
C LYS B 388 -9.78 -14.34 14.81
N SER B 389 -10.24 -14.29 13.56
CA SER B 389 -11.45 -13.56 13.19
C SER B 389 -12.74 -14.35 13.39
N LEU B 390 -12.64 -15.65 13.67
CA LEU B 390 -13.82 -16.47 14.00
C LEU B 390 -14.50 -15.93 15.25
N LEU B 391 -15.81 -15.78 15.19
CA LEU B 391 -16.58 -15.27 16.33
C LEU B 391 -16.74 -16.36 17.38
N LYS B 392 -17.00 -17.58 16.92
CA LYS B 392 -17.09 -18.79 17.72
C LYS B 392 -15.98 -19.72 17.30
N GLU B 393 -15.48 -20.53 18.22
CA GLU B 393 -14.43 -21.52 17.93
C GLU B 393 -14.84 -22.46 16.80
N GLY B 394 -13.98 -22.59 15.79
CA GLY B 394 -14.25 -23.39 14.60
C GLY B 394 -14.21 -24.91 14.83
CHA HEM C . 9.27 13.87 3.53
CHB HEM C . 12.54 16.60 5.86
CHC HEM C . 9.15 19.99 6.53
CHD HEM C . 6.44 17.80 3.15
C1A HEM C . 10.42 14.26 4.16
C2A HEM C . 11.58 13.44 4.40
C3A HEM C . 12.49 14.20 5.03
C4A HEM C . 11.94 15.52 5.24
CMA HEM C . 13.89 13.71 5.46
CAA HEM C . 11.77 11.96 3.98
CBA HEM C . 11.49 11.03 5.17
CGA HEM C . 10.03 11.05 5.60
O1A HEM C . 9.76 11.28 6.79
O2A HEM C . 9.14 10.84 4.75
C1B HEM C . 11.92 17.77 6.27
C2B HEM C . 12.52 18.85 7.05
C3B HEM C . 11.58 19.81 7.25
C4B HEM C . 10.37 19.36 6.57
CMB HEM C . 13.98 18.80 7.52
CAB HEM C . 11.68 21.16 8.00
CBB HEM C . 12.50 21.38 9.03
C1C HEM C . 8.14 19.73 5.62
C2C HEM C . 7.03 20.60 5.31
C3C HEM C . 6.30 19.99 4.38
C4C HEM C . 6.90 18.71 4.07
CMC HEM C . 6.76 21.98 5.96
CAC HEM C . 5.02 20.54 3.72
CBC HEM C . 4.99 20.64 2.39
C1D HEM C . 6.92 16.53 2.95
C2D HEM C . 6.27 15.54 2.13
C3D HEM C . 7.14 14.30 2.25
C4D HEM C . 8.23 14.69 3.14
CMD HEM C . 4.97 15.72 1.32
CAD HEM C . 6.93 12.94 1.56
CBD HEM C . 7.71 12.94 0.24
CGD HEM C . 7.05 13.79 -0.82
O1D HEM C . 7.75 14.59 -1.49
O2D HEM C . 5.82 13.68 -1.01
NA HEM C . 10.66 15.52 4.68
NB HEM C . 10.62 18.13 6.00
NC HEM C . 8.03 18.60 4.86
ND HEM C . 8.04 15.99 3.52
FE HEM C . 9.34 17.08 4.82
C1 W2Z D . 14.04 8.46 9.50
C2 W2Z D . 14.66 8.73 10.89
C7 W2Z D . 13.82 11.84 9.22
C8 W2Z D . 13.59 13.33 9.28
C11 W2Z D . 10.63 15.47 10.20
C12 W2Z D . 9.95 14.07 10.19
C17 W2Z D . 8.62 14.06 9.42
C19 W2Z D . 7.48 14.51 10.31
C21 W2Z D . 5.96 14.68 12.13
C23 W2Z D . 5.77 16.23 10.29
C24 W2Z D . 6.84 15.60 9.68
C27 W2Z D . 9.13 15.23 7.13
C30 W2Z D . 12.54 13.17 11.55
C31 W2Z D . 13.05 11.72 11.63
S3 W2Z D . 15.36 10.41 10.97
O4 W2Z D . 15.68 10.69 12.33
O5 W2Z D . 16.32 10.61 9.95
N6 W2Z D . 14.06 11.37 10.60
C9 W2Z D . 12.34 13.66 10.11
C10 W2Z D . 12.14 15.18 10.05
C14 W2Z D . 11.01 13.10 9.58
O16 W2Z D . 11.04 13.10 8.16
C20 W2Z D . 7.03 14.06 11.53
C22 W2Z D . 5.33 15.75 11.51
C25 W2Z D . 7.52 15.86 8.41
N26 W2Z D . 8.54 14.96 8.27
N28 W2Z D . 8.54 16.22 6.54
C29 W2Z D . 7.55 16.64 7.31
CHA HEM E . 1.42 -17.93 -0.71
CHB HEM E . 3.34 -22.23 -1.90
CHC HEM E . -0.48 -22.92 -4.79
CHD HEM E . -2.83 -19.40 -2.52
C1A HEM E . 2.29 -18.98 -0.83
C2A HEM E . 3.64 -19.04 -0.30
C3A HEM E . 4.18 -20.21 -0.61
C4A HEM E . 3.19 -20.97 -1.36
CMA HEM E . 5.59 -20.70 -0.22
CAA HEM E . 4.32 -17.90 0.51
CBA HEM E . 5.23 -17.08 -0.41
CGA HEM E . 4.48 -16.27 -1.42
O1A HEM E . 4.80 -16.37 -2.64
O2A HEM E . 3.54 -15.52 -1.05
C1B HEM E . 2.49 -22.80 -2.82
C2B HEM E . 2.69 -24.06 -3.53
C3B HEM E . 1.61 -24.25 -4.33
C4B HEM E . 0.72 -23.13 -4.13
CMB HEM E . 3.94 -24.93 -3.32
CAB HEM E . 1.26 -25.41 -5.30
CBB HEM E . 2.18 -26.18 -5.90
C1C HEM E . -1.47 -22.07 -4.41
C2C HEM E . -2.84 -22.07 -4.89
C3C HEM E . -3.49 -21.09 -4.25
C4C HEM E . -2.56 -20.45 -3.36
CMC HEM E . -3.42 -23.02 -5.95
CAC HEM E . -4.97 -20.71 -4.38
CBC HEM E . -5.69 -20.77 -3.26
C1D HEM E . -1.92 -18.65 -1.84
C2D HEM E . -2.22 -17.40 -1.18
C3D HEM E . -0.88 -16.93 -0.62
C4D HEM E . 0.08 -17.94 -1.01
CMD HEM E . -3.60 -16.74 -1.09
CAD HEM E . -0.65 -15.65 0.21
CBD HEM E . -0.82 -15.97 1.69
CGD HEM E . -2.26 -16.16 2.09
O1D HEM E . -2.54 -17.13 2.85
O2D HEM E . -3.11 -15.35 1.66
NA HEM E . 2.07 -20.19 -1.47
NB HEM E . 1.27 -22.28 -3.20
NC HEM E . -1.33 -21.06 -3.48
ND HEM E . -0.56 -18.92 -1.73
FE HEM E . 0.36 -20.61 -2.50
C1 W2Z F . 10.87 -17.07 -2.30
C2 W2Z F . 11.56 -17.78 -3.47
C7 W2Z F . 8.39 -19.51 -3.05
C8 W2Z F . 7.35 -20.55 -3.48
C11 W2Z F . 4.76 -20.57 -6.22
C12 W2Z F . 5.09 -19.05 -6.17
C17 W2Z F . 3.83 -18.16 -6.11
C19 W2Z F . 3.28 -17.92 -7.50
C21 W2Z F . 3.07 -17.33 -9.80
C23 W2Z F . 1.16 -18.21 -8.65
C24 W2Z F . 1.93 -18.32 -7.49
C27 W2Z F . 2.39 -19.17 -4.16
C30 W2Z F . 7.92 -20.25 -5.88
C31 W2Z F . 9.14 -19.36 -5.49
S3 W2Z F . 11.08 -19.53 -3.56
O4 W2Z F . 11.79 -20.13 -4.62
O5 W2Z F . 11.08 -20.13 -2.26
N6 W2Z F . 9.48 -19.49 -4.05
C9 W2Z F . 6.78 -20.19 -4.86
C10 W2Z F . 5.70 -21.24 -5.18
C14 W2Z F . 6.02 -18.87 -4.94
O16 W2Z F . 5.31 -18.62 -3.72
C20 W2Z F . 3.82 -17.43 -8.64
C22 W2Z F . 1.74 -17.72 -9.80
C25 W2Z F . 1.61 -18.82 -6.14
N26 W2Z F . 2.73 -18.72 -5.36
N28 W2Z F . 1.16 -19.56 -4.16
C29 W2Z F . 0.64 -19.37 -5.37
#